data_3BVV
#
_entry.id   3BVV
#
_cell.length_a   69.104
_cell.length_b   109.815
_cell.length_c   139.303
_cell.angle_alpha   90.000
_cell.angle_beta   90.000
_cell.angle_gamma   90.000
#
_symmetry.space_group_name_H-M   'P 21 21 21'
#
loop_
_entity.id
_entity.type
_entity.pdbx_description
1 polymer 'Alpha-mannosidase 2'
2 branched 'alpha-D-mannopyranose-(1-3)-[6-thio-alpha-D-mannopyranose-(1-6)]methyl beta-D-mannopyranoside'
3 non-polymer 'PHOSPHATE ION'
4 non-polymer 'ZINC ION'
5 non-polymer (4R)-2-METHYLPENTANE-2,4-DIOL
6 non-polymer (4S)-2-METHYL-2,4-PENTANEDIOL
7 water water
#
_entity_poly.entity_id   1
_entity_poly.type   'polypeptide(L)'
_entity_poly.pdbx_seq_one_letter_code
;RSSHHHHHHGEFDDPIRPPLKVARSPRPGQCQDVVQDVPNVDVQMLELYDRMSFKDIDGGVWKQGWNIKYDPLKYNAHHK
LKVFVVPHSHNDPGWIQTFEEYYQHDTKHILSNALRHLHDNPEMKFIWAEISYFARFYHDLGENKKLQMKSIVKNGQLEF
VTGGWVMPDEANSHWRNVLLQLTEGQTWLKQFMNVTPTASWAIAPFGHSPTMPYILQKSGFKNMLIQRTHYSVKKELAQQ
RQLEFLWRQIWDNKGDTALFTHMMPFYSYDIPHTCGPDPKVCCQFDFKRMGSFGLSCPWKVPPRTISDQNVAARSDLLVD
QWKKKAELYRTNVLLIPLGDDFRFKQNTEWDVQRVNYERLFEHINSQAHFNVQAQFGTLQEYFDAVHQAERAGQAEFPTL
SGDFFTYADRSDNYWSGYYTSRPYHKRMDRVLMHYVRAAEMLSAWHSWDGMARIEERLEQARRELSLFQHHDGITGTAKT
HVVVDYEQRMQEALKACQMVMQQSVYRLLTKPSIYSPDFSFSYFTLDDSRWPGSGVEDSRTTIILGEDILPSKHVVMHNT
LPHWREQLVDFYVSSPFVSVTDLANNPVEAQVSPVWSWHHDTLTKTIHPQGSTTKYRIIFKARVPPMGLATYVLTISDSK
PEHTSYASNLLLRKNPTSLPLGQYPEDVKFGDPREISLRVGNGPTLAFSEQGLLKSIQLTQDSPHVPVHFKFLKYGVRSH
GDRSGAYLFLPNGPASPVELGQPVVLVTKGKLESSVSVGLPSVVHQTIMRGGAPEIRNLVDIGSLDNTEIVMRLETHIDS
GDIFYTDLNGLQFIKRRRLDKLPLQANYYPIPSGMFIEDANTRLTLLTGQPLGGSSLASGELEIMQDRRLASDDERGLGQ
GVLDNKPVLHIYRLVLEKVNNCVRPSKLHPAGYLTSAAHKASQSLLDPLDKFIFAENEWIGAQGQFGGDHPSAREDLDVS
VMRRLTKSSAKTQRVGYVLHRTNLMQCGTPEEHTQKLDVCHLLPNVARCERTTLTFLQNLEHLDGMVAPEVCPMETAAYV
SSHSS
;
_entity_poly.pdbx_strand_id   A
#
# COMPACT_ATOMS: atom_id res chain seq x y z
N GLN A 30 11.80 -28.34 -6.60
CA GLN A 30 11.96 -28.27 -5.12
C GLN A 30 11.92 -26.83 -4.60
N CYS A 31 10.86 -26.52 -3.87
CA CYS A 31 10.68 -25.19 -3.27
C CYS A 31 11.64 -24.99 -2.11
N GLN A 32 12.17 -23.76 -1.98
CA GLN A 32 12.91 -23.35 -0.79
C GLN A 32 11.98 -23.40 0.41
N ASP A 33 12.53 -23.80 1.56
CA ASP A 33 11.79 -23.81 2.82
C ASP A 33 11.92 -22.43 3.47
N VAL A 34 10.79 -21.75 3.66
CA VAL A 34 10.80 -20.36 4.12
C VAL A 34 10.67 -20.24 5.64
N VAL A 35 10.62 -21.38 6.32
CA VAL A 35 10.39 -21.43 7.77
C VAL A 35 11.59 -21.89 8.58
N GLN A 36 12.23 -22.96 8.11
CA GLN A 36 13.15 -23.74 8.95
C GLN A 36 14.64 -23.50 8.71
N ASP A 37 14.97 -22.70 7.71
CA ASP A 37 16.36 -22.39 7.37
C ASP A 37 16.65 -20.89 7.60
N VAL A 38 17.37 -20.55 8.66
CA VAL A 38 17.67 -19.13 8.92
C VAL A 38 18.78 -18.66 7.96
N PRO A 39 18.49 -17.67 7.09
CA PRO A 39 19.52 -17.25 6.14
C PRO A 39 20.74 -16.68 6.81
N ASN A 40 21.90 -16.97 6.22
CA ASN A 40 23.15 -16.38 6.66
C ASN A 40 23.48 -15.15 5.83
N VAL A 41 23.33 -13.98 6.42
CA VAL A 41 23.58 -12.71 5.72
C VAL A 41 24.61 -11.89 6.48
N ASP A 42 25.33 -11.04 5.77
CA ASP A 42 26.29 -10.18 6.45
C ASP A 42 25.65 -9.13 7.36
N VAL A 43 24.53 -8.59 6.90
CA VAL A 43 23.82 -7.56 7.66
C VAL A 43 22.37 -8.02 7.76
N GLN A 44 21.89 -8.21 8.98
CA GLN A 44 20.47 -8.53 9.21
C GLN A 44 19.91 -7.39 10.06
N MET A 45 18.95 -6.64 9.53
CA MET A 45 18.64 -5.36 10.13
C MET A 45 18.09 -5.44 11.56
N LEU A 46 17.37 -6.51 11.89
CA LEU A 46 16.90 -6.66 13.28
C LEU A 46 18.10 -6.86 14.22
N GLU A 47 19.05 -7.65 13.79
CA GLU A 47 20.27 -7.89 14.58
C GLU A 47 21.04 -6.58 14.72
N LEU A 48 21.17 -5.85 13.63
CA LEU A 48 21.87 -4.59 13.65
C LEU A 48 21.23 -3.61 14.65
N TYR A 49 19.91 -3.51 14.60
CA TYR A 49 19.16 -2.68 15.54
C TYR A 49 19.41 -3.05 17.01
N ASP A 50 19.50 -4.34 17.28
CA ASP A 50 19.69 -4.82 18.66
C ASP A 50 21.06 -4.37 19.19
N ARG A 51 22.05 -4.33 18.31
CA ARG A 51 23.47 -4.02 18.64
C ARG A 51 23.79 -2.52 18.62
N MET A 52 23.16 -1.75 17.72
CA MET A 52 23.47 -0.32 17.59
CA MET A 52 23.45 -0.31 17.58
C MET A 52 23.06 0.52 18.79
N SER A 53 23.85 1.57 19.06
CA SER A 53 23.61 2.49 20.16
CA SER A 53 23.56 2.47 20.18
C SER A 53 22.73 3.69 19.80
N PHE A 54 22.68 4.04 18.51
CA PHE A 54 21.85 5.16 18.02
C PHE A 54 22.19 6.50 18.69
N LYS A 55 23.46 6.70 19.03
CA LYS A 55 23.85 7.99 19.61
C LYS A 55 23.86 9.08 18.55
N ASP A 56 23.32 10.23 18.92
CA ASP A 56 23.16 11.34 18.01
C ASP A 56 24.19 12.43 18.33
N ILE A 57 25.43 12.19 17.92
CA ILE A 57 26.52 13.10 18.25
C ILE A 57 26.88 13.96 17.05
N ASP A 58 27.41 15.15 17.34
CA ASP A 58 27.85 16.09 16.31
C ASP A 58 29.13 15.56 15.68
N GLY A 59 29.05 15.14 14.41
CA GLY A 59 30.18 14.57 13.72
C GLY A 59 31.04 15.60 13.01
N GLY A 60 30.72 16.89 13.14
CA GLY A 60 31.46 17.94 12.45
C GLY A 60 30.67 18.41 11.23
N VAL A 61 31.36 18.73 10.14
CA VAL A 61 30.68 19.23 8.95
C VAL A 61 29.67 18.18 8.42
N TRP A 62 30.03 16.90 8.50
CA TRP A 62 29.07 15.82 8.29
C TRP A 62 28.42 15.60 9.64
N LYS A 63 27.29 16.28 9.87
CA LYS A 63 26.75 16.41 11.23
C LYS A 63 26.41 15.06 11.86
N GLN A 64 25.99 14.10 11.02
CA GLN A 64 25.61 12.77 11.53
C GLN A 64 26.61 11.65 11.21
N GLY A 65 27.82 12.04 10.82
CA GLY A 65 28.87 11.07 10.50
C GLY A 65 30.15 11.36 11.28
N TRP A 66 31.26 11.47 10.56
CA TRP A 66 32.59 11.75 11.16
C TRP A 66 33.40 12.49 10.12
N ASN A 67 34.58 12.98 10.51
CA ASN A 67 35.49 13.65 9.57
C ASN A 67 36.21 12.61 8.73
N ILE A 68 35.80 12.47 7.47
CA ILE A 68 36.33 11.43 6.61
C ILE A 68 37.77 11.76 6.21
N LYS A 69 38.63 10.76 6.28
CA LYS A 69 40.02 10.86 5.86
C LYS A 69 40.27 9.90 4.70
N TYR A 70 41.10 10.31 3.75
CA TYR A 70 41.52 9.38 2.67
C TYR A 70 43.02 9.50 2.44
N ASP A 71 43.59 8.40 1.96
CA ASP A 71 44.99 8.39 1.56
C ASP A 71 45.09 8.94 0.14
N PRO A 72 45.72 10.10 -0.04
CA PRO A 72 45.82 10.72 -1.38
C PRO A 72 46.48 9.80 -2.42
N LEU A 73 47.27 8.82 -1.96
CA LEU A 73 47.93 7.89 -2.87
C LEU A 73 47.08 6.68 -3.30
N LYS A 74 45.84 6.62 -2.82
CA LYS A 74 44.91 5.56 -3.23
C LYS A 74 44.65 5.56 -4.73
N TYR A 75 44.53 6.76 -5.32
N TYR A 75 44.61 6.76 -5.29
CA TYR A 75 44.31 6.88 -6.76
CA TYR A 75 44.46 6.94 -6.72
C TYR A 75 45.56 7.42 -7.47
C TYR A 75 45.79 7.24 -7.36
N ASN A 76 45.92 6.79 -8.60
CA ASN A 76 47.10 7.11 -9.41
C ASN A 76 46.78 6.88 -10.89
N ALA A 77 47.77 6.99 -11.78
CA ALA A 77 47.48 6.89 -13.22
C ALA A 77 46.84 5.54 -13.61
N HIS A 78 47.13 4.51 -12.82
CA HIS A 78 46.66 3.16 -13.14
C HIS A 78 45.44 2.77 -12.34
N HIS A 79 45.00 3.68 -11.46
CA HIS A 79 43.79 3.45 -10.69
C HIS A 79 43.13 4.79 -10.41
N LYS A 80 42.30 5.23 -11.36
CA LYS A 80 41.66 6.53 -11.27
C LYS A 80 40.27 6.43 -10.63
N LEU A 81 39.81 7.53 -10.07
CA LEU A 81 38.44 7.63 -9.58
C LEU A 81 37.54 8.06 -10.75
N LYS A 82 36.54 7.24 -11.06
CA LYS A 82 35.60 7.54 -12.13
CA LYS A 82 35.61 7.57 -12.13
C LYS A 82 34.36 8.13 -11.48
N VAL A 83 34.01 9.36 -11.86
CA VAL A 83 32.91 10.10 -11.24
C VAL A 83 31.79 10.32 -12.25
N PHE A 84 30.57 9.89 -11.90
CA PHE A 84 29.38 10.12 -12.72
C PHE A 84 28.48 11.13 -12.03
N VAL A 85 28.34 12.31 -12.65
CA VAL A 85 27.46 13.35 -12.17
C VAL A 85 26.14 13.18 -12.90
N VAL A 86 25.08 12.90 -12.13
CA VAL A 86 23.81 12.46 -12.70
C VAL A 86 22.73 13.53 -12.47
N PRO A 87 22.44 14.37 -13.47
CA PRO A 87 21.41 15.43 -13.29
C PRO A 87 20.02 14.83 -13.17
N HIS A 88 19.22 15.39 -12.27
CA HIS A 88 17.89 14.87 -12.00
C HIS A 88 16.98 15.98 -11.49
N SER A 89 15.69 15.72 -11.51
CA SER A 89 14.69 16.67 -11.05
C SER A 89 13.55 15.91 -10.36
N HIS A 90 13.37 16.12 -9.06
CA HIS A 90 12.35 15.39 -8.33
C HIS A 90 10.99 16.06 -8.53
N ASN A 91 10.07 15.35 -9.19
CA ASN A 91 8.76 15.91 -9.53
C ASN A 91 7.63 15.17 -8.83
N ASP A 92 7.10 15.76 -7.79
CA ASP A 92 6.00 15.16 -7.01
C ASP A 92 4.68 15.23 -7.77
N PRO A 93 4.04 14.09 -8.06
CA PRO A 93 2.68 14.06 -8.70
C PRO A 93 1.60 14.43 -7.68
N GLY A 94 1.64 15.70 -7.26
CA GLY A 94 0.83 16.22 -6.17
C GLY A 94 1.59 16.26 -4.86
N TRP A 95 1.46 17.36 -4.14
CA TRP A 95 2.01 17.54 -2.79
C TRP A 95 1.52 18.89 -2.24
N ILE A 96 2.22 19.98 -2.59
CA ILE A 96 1.79 21.35 -2.23
CA ILE A 96 1.70 21.28 -2.21
C ILE A 96 0.88 21.97 -3.30
N GLN A 97 0.90 21.41 -4.49
N GLN A 97 0.94 21.40 -4.49
CA GLN A 97 -0.04 21.73 -5.56
CA GLN A 97 0.06 21.71 -5.61
C GLN A 97 -0.57 20.40 -6.09
C GLN A 97 -0.54 20.39 -6.11
N THR A 98 -1.63 20.45 -6.89
CA THR A 98 -2.14 19.22 -7.49
C THR A 98 -1.23 18.81 -8.64
N PHE A 99 -1.41 17.56 -9.08
CA PHE A 99 -0.74 17.07 -10.27
C PHE A 99 -0.84 18.06 -11.43
N GLU A 100 -2.06 18.48 -11.74
CA GLU A 100 -2.24 19.33 -12.92
C GLU A 100 -1.62 20.73 -12.71
N GLU A 101 -1.71 21.26 -11.49
CA GLU A 101 -1.10 22.57 -11.16
C GLU A 101 0.42 22.52 -11.33
N TYR A 102 1.06 21.50 -10.78
CA TYR A 102 2.50 21.36 -10.95
C TYR A 102 2.84 21.16 -12.43
N TYR A 103 2.03 20.38 -13.15
CA TYR A 103 2.32 20.13 -14.54
C TYR A 103 2.34 21.47 -15.30
N GLN A 104 1.34 22.31 -15.06
CA GLN A 104 1.21 23.56 -15.81
C GLN A 104 2.28 24.55 -15.40
N HIS A 105 2.61 24.60 -14.11
N HIS A 105 2.61 24.60 -14.12
CA HIS A 105 3.51 25.64 -13.56
CA HIS A 105 3.53 25.64 -13.66
C HIS A 105 4.99 25.27 -13.57
C HIS A 105 4.99 25.24 -13.84
N ASP A 106 5.29 23.96 -13.60
CA ASP A 106 6.66 23.48 -13.49
C ASP A 106 7.04 22.39 -14.47
N THR A 107 6.38 21.23 -14.37
CA THR A 107 6.89 20.03 -15.03
C THR A 107 6.88 20.15 -16.56
N LYS A 108 5.87 20.79 -17.13
CA LYS A 108 5.87 20.87 -18.59
C LYS A 108 7.04 21.67 -19.11
N HIS A 109 7.44 22.69 -18.34
CA HIS A 109 8.63 23.50 -18.68
C HIS A 109 9.93 22.75 -18.48
N ILE A 110 10.01 22.00 -17.39
CA ILE A 110 11.20 21.15 -17.14
C ILE A 110 11.40 20.19 -18.32
N LEU A 111 10.35 19.48 -18.72
CA LEU A 111 10.48 18.49 -19.79
C LEU A 111 10.71 19.13 -21.15
N SER A 112 10.05 20.26 -21.43
CA SER A 112 10.28 20.95 -22.69
CA SER A 112 10.27 21.00 -22.67
C SER A 112 11.72 21.47 -22.77
N ASN A 113 12.22 22.01 -21.67
CA ASN A 113 13.59 22.53 -21.70
C ASN A 113 14.61 21.40 -21.64
N ALA A 114 14.28 20.24 -21.04
CA ALA A 114 15.18 19.09 -21.10
C ALA A 114 15.32 18.64 -22.55
N LEU A 115 14.21 18.59 -23.28
CA LEU A 115 14.25 18.15 -24.66
C LEU A 115 15.18 19.07 -25.47
N ARG A 116 15.00 20.37 -25.32
CA ARG A 116 15.82 21.32 -26.08
C ARG A 116 17.29 21.22 -25.69
N HIS A 117 17.57 21.27 -24.39
CA HIS A 117 18.95 21.33 -23.94
CA HIS A 117 18.93 21.33 -23.92
C HIS A 117 19.71 20.05 -24.19
N LEU A 118 19.07 18.91 -23.99
CA LEU A 118 19.73 17.63 -24.30
C LEU A 118 19.95 17.50 -25.79
N HIS A 119 18.95 17.85 -26.60
CA HIS A 119 19.16 17.83 -28.04
C HIS A 119 20.41 18.62 -28.44
N ASP A 120 20.53 19.83 -27.91
CA ASP A 120 21.58 20.75 -28.33
C ASP A 120 22.94 20.50 -27.70
N ASN A 121 23.00 19.68 -26.66
CA ASN A 121 24.26 19.43 -25.92
C ASN A 121 24.47 17.93 -25.74
N PRO A 122 25.07 17.27 -26.74
CA PRO A 122 25.11 15.80 -26.79
C PRO A 122 25.74 15.09 -25.57
N GLU A 123 26.63 15.75 -24.82
CA GLU A 123 27.25 15.12 -23.64
C GLU A 123 26.44 15.29 -22.37
N MET A 124 25.42 16.16 -22.40
CA MET A 124 24.56 16.35 -21.23
C MET A 124 23.63 15.14 -21.05
N LYS A 125 23.29 14.83 -19.78
CA LYS A 125 22.46 13.67 -19.43
C LYS A 125 21.38 14.09 -18.44
N PHE A 126 20.35 13.27 -18.31
CA PHE A 126 19.25 13.58 -17.38
C PHE A 126 18.51 12.28 -17.11
N ILE A 127 18.09 12.08 -15.88
CA ILE A 127 17.26 10.90 -15.56
C ILE A 127 15.86 11.34 -15.17
N TRP A 128 14.87 10.49 -15.44
CA TRP A 128 13.45 10.79 -15.18
C TRP A 128 12.77 9.59 -14.55
N ALA A 129 12.04 9.84 -13.45
CA ALA A 129 11.39 8.75 -12.69
C ALA A 129 9.86 8.65 -12.88
N GLU A 130 9.14 9.78 -12.90
CA GLU A 130 7.66 9.76 -12.73
C GLU A 130 6.94 9.73 -14.08
N ILE A 131 6.48 8.55 -14.49
CA ILE A 131 5.91 8.39 -15.82
C ILE A 131 4.53 9.03 -15.94
N SER A 132 3.80 9.20 -14.84
CA SER A 132 2.54 9.94 -14.92
C SER A 132 2.73 11.32 -15.59
N TYR A 133 3.78 12.04 -15.16
CA TYR A 133 4.09 13.34 -15.76
C TYR A 133 4.61 13.20 -17.17
N PHE A 134 5.47 12.20 -17.42
CA PHE A 134 6.06 12.09 -18.74
C PHE A 134 5.00 11.77 -19.80
N ALA A 135 4.06 10.88 -19.46
CA ALA A 135 2.96 10.54 -20.37
C ALA A 135 2.09 11.77 -20.61
N ARG A 136 1.83 12.55 -19.54
N ARG A 136 1.77 12.54 -19.61
CA ARG A 136 1.04 13.81 -19.56
CA ARG A 136 0.97 13.72 -19.90
C ARG A 136 1.63 14.85 -20.53
C ARG A 136 1.72 14.59 -20.91
N PHE A 137 2.98 14.89 -20.62
CA PHE A 137 3.75 15.77 -21.47
C PHE A 137 3.83 15.23 -22.92
N TYR A 138 4.21 13.95 -23.04
CA TYR A 138 4.49 13.38 -24.35
CA TYR A 138 4.46 13.33 -24.35
C TYR A 138 3.26 13.40 -25.26
N HIS A 139 2.09 13.13 -24.69
CA HIS A 139 0.88 13.05 -25.49
C HIS A 139 0.45 14.45 -25.98
N ASP A 140 0.95 15.51 -25.36
CA ASP A 140 0.70 16.89 -25.83
C ASP A 140 1.73 17.43 -26.84
N LEU A 141 2.78 16.66 -27.09
CA LEU A 141 3.78 17.05 -28.08
C LEU A 141 3.33 16.84 -29.51
N GLY A 142 3.78 17.73 -30.40
CA GLY A 142 3.69 17.50 -31.83
C GLY A 142 4.63 16.38 -32.26
N GLU A 143 4.34 15.77 -33.41
CA GLU A 143 5.10 14.65 -33.92
C GLU A 143 6.59 14.94 -34.06
N ASN A 144 6.93 16.14 -34.51
CA ASN A 144 8.34 16.50 -34.67
C ASN A 144 9.07 16.39 -33.32
N LYS A 145 8.44 16.91 -32.27
CA LYS A 145 8.98 16.84 -30.91
C LYS A 145 8.98 15.41 -30.31
N LYS A 146 7.92 14.63 -30.58
N LYS A 146 7.91 14.64 -30.57
CA LYS A 146 7.90 13.21 -30.16
CA LYS A 146 7.88 13.21 -30.18
C LYS A 146 9.10 12.47 -30.73
C LYS A 146 9.10 12.49 -30.73
N LEU A 147 9.40 12.72 -32.01
CA LEU A 147 10.54 12.07 -32.66
C LEU A 147 11.87 12.51 -32.03
N GLN A 148 12.02 13.81 -31.75
CA GLN A 148 13.23 14.32 -31.10
C GLN A 148 13.40 13.67 -29.71
N MET A 149 12.28 13.54 -29.00
CA MET A 149 12.29 12.89 -27.68
C MET A 149 12.74 11.43 -27.77
N LYS A 150 12.13 10.67 -28.68
CA LYS A 150 12.51 9.26 -28.86
C LYS A 150 14.01 9.15 -29.15
N SER A 151 14.57 10.12 -29.88
N SER A 151 14.57 10.11 -29.90
CA SER A 151 15.98 10.07 -30.28
CA SER A 151 15.97 10.06 -30.26
C SER A 151 16.94 10.33 -29.11
C SER A 151 16.88 10.23 -29.04
N ILE A 152 16.60 11.23 -28.19
CA ILE A 152 17.44 11.45 -27.00
C ILE A 152 17.31 10.33 -25.96
N VAL A 153 16.19 9.57 -26.00
CA VAL A 153 16.07 8.36 -25.19
C VAL A 153 16.85 7.21 -25.83
N LYS A 154 16.66 6.98 -27.13
CA LYS A 154 17.40 5.92 -27.80
C LYS A 154 18.93 6.08 -27.70
N ASN A 155 19.42 7.32 -27.80
CA ASN A 155 20.86 7.61 -27.70
C ASN A 155 21.39 7.66 -26.27
N GLY A 156 20.52 7.50 -25.28
CA GLY A 156 20.95 7.40 -23.90
C GLY A 156 21.20 8.69 -23.14
N GLN A 157 20.86 9.83 -23.70
CA GLN A 157 20.96 11.07 -22.97
C GLN A 157 19.90 11.25 -21.89
N LEU A 158 18.66 10.92 -22.23
CA LEU A 158 17.58 10.93 -21.26
CA LEU A 158 17.56 10.93 -21.28
C LEU A 158 17.29 9.46 -20.93
N GLU A 159 17.41 9.16 -19.65
CA GLU A 159 17.21 7.78 -19.20
C GLU A 159 16.11 7.70 -18.14
N PHE A 160 15.20 6.76 -18.32
CA PHE A 160 14.16 6.51 -17.35
C PHE A 160 14.71 5.62 -16.25
N VAL A 161 14.39 5.99 -15.02
CA VAL A 161 14.79 5.23 -13.84
C VAL A 161 13.50 4.77 -13.15
N THR A 162 13.46 3.46 -12.81
CA THR A 162 12.28 2.76 -12.30
C THR A 162 11.20 2.64 -13.39
N GLY A 163 10.65 3.79 -13.78
CA GLY A 163 9.61 3.79 -14.81
C GLY A 163 8.22 3.48 -14.31
N GLY A 164 7.98 3.63 -12.99
CA GLY A 164 6.62 3.55 -12.49
C GLY A 164 5.83 4.81 -12.76
N TRP A 165 4.50 4.70 -12.64
CA TRP A 165 3.64 5.88 -12.76
C TRP A 165 4.08 6.96 -11.77
N VAL A 166 4.49 6.50 -10.57
CA VAL A 166 4.94 7.38 -9.50
C VAL A 166 6.21 6.78 -8.86
N MET A 167 6.74 7.48 -7.86
CA MET A 167 7.75 6.91 -6.95
C MET A 167 6.98 6.63 -5.66
N PRO A 168 6.54 5.38 -5.46
CA PRO A 168 5.52 5.17 -4.41
C PRO A 168 6.04 5.20 -2.99
N ASP A 169 5.12 5.53 -2.09
CA ASP A 169 5.32 5.21 -0.68
C ASP A 169 5.63 3.72 -0.57
N GLU A 170 6.46 3.36 0.40
CA GLU A 170 6.80 1.95 0.66
C GLU A 170 6.26 1.42 1.98
N ALA A 171 5.65 2.29 2.79
CA ALA A 171 5.14 1.89 4.11
C ALA A 171 3.67 1.45 4.08
N ASN A 172 2.82 2.29 3.50
CA ASN A 172 1.37 2.07 3.55
C ASN A 172 0.84 1.32 2.33
N SER A 173 1.61 1.34 1.26
CA SER A 173 1.14 0.79 -0.04
C SER A 173 1.05 -0.73 0.03
N HIS A 174 -0.01 -1.27 -0.60
CA HIS A 174 -0.11 -2.71 -0.76
C HIS A 174 0.77 -3.13 -1.94
N TRP A 175 1.42 -4.28 -1.82
CA TRP A 175 2.28 -4.78 -2.90
C TRP A 175 1.53 -4.86 -4.23
N ARG A 176 0.23 -5.20 -4.18
CA ARG A 176 -0.54 -5.31 -5.43
C ARG A 176 -0.58 -3.95 -6.13
N ASN A 177 -0.68 -2.86 -5.37
CA ASN A 177 -0.75 -1.53 -5.99
C ASN A 177 0.63 -1.00 -6.35
N VAL A 178 1.67 -1.44 -5.65
CA VAL A 178 3.04 -1.12 -6.07
C VAL A 178 3.27 -1.75 -7.45
N LEU A 179 2.86 -3.01 -7.62
CA LEU A 179 2.98 -3.66 -8.92
C LEU A 179 2.09 -2.97 -9.97
N LEU A 180 0.88 -2.59 -9.59
CA LEU A 180 -0.03 -1.94 -10.55
C LEU A 180 0.59 -0.68 -11.11
N GLN A 181 1.14 0.17 -10.25
CA GLN A 181 1.68 1.45 -10.74
C GLN A 181 2.98 1.25 -11.53
N LEU A 182 3.78 0.27 -11.12
CA LEU A 182 4.99 -0.04 -11.85
C LEU A 182 4.62 -0.49 -13.28
N THR A 183 3.63 -1.37 -13.36
CA THR A 183 3.16 -1.88 -14.65
C THR A 183 2.59 -0.76 -15.51
N GLU A 184 1.85 0.17 -14.90
CA GLU A 184 1.22 1.23 -15.67
C GLU A 184 2.32 2.08 -16.34
N GLY A 185 3.32 2.48 -15.58
CA GLY A 185 4.41 3.27 -16.15
C GLY A 185 5.25 2.51 -17.17
N GLN A 186 5.57 1.25 -16.86
CA GLN A 186 6.48 0.53 -17.73
C GLN A 186 5.78 0.11 -19.02
N THR A 187 4.48 -0.19 -18.94
CA THR A 187 3.74 -0.53 -20.15
C THR A 187 3.70 0.68 -21.09
N TRP A 188 3.49 1.87 -20.53
CA TRP A 188 3.54 3.10 -21.31
C TRP A 188 4.93 3.28 -21.96
N LEU A 189 5.99 3.10 -21.16
CA LEU A 189 7.34 3.28 -21.69
C LEU A 189 7.66 2.29 -22.80
N LYS A 190 7.23 1.03 -22.67
CA LYS A 190 7.54 0.06 -23.71
C LYS A 190 6.84 0.46 -25.01
N GLN A 191 5.58 0.86 -24.89
CA GLN A 191 4.78 1.20 -26.07
C GLN A 191 5.31 2.44 -26.79
N PHE A 192 5.63 3.49 -26.04
CA PHE A 192 5.92 4.78 -26.66
C PHE A 192 7.41 5.10 -26.79
N MET A 193 8.23 4.61 -25.86
CA MET A 193 9.66 4.92 -25.82
CA MET A 193 9.65 4.93 -25.87
C MET A 193 10.54 3.71 -26.15
N ASN A 194 9.92 2.53 -26.24
CA ASN A 194 10.65 1.28 -26.53
C ASN A 194 11.80 1.01 -25.56
N VAL A 195 11.57 1.25 -24.27
CA VAL A 195 12.58 0.95 -23.26
C VAL A 195 11.90 0.41 -22.01
N THR A 196 12.63 -0.41 -21.27
CA THR A 196 12.18 -0.93 -19.97
C THR A 196 13.34 -0.77 -18.99
N PRO A 197 13.23 0.16 -18.03
CA PRO A 197 14.31 0.39 -17.06
C PRO A 197 14.64 -0.89 -16.28
N THR A 198 15.92 -1.09 -15.97
CA THR A 198 16.37 -2.18 -15.10
C THR A 198 17.06 -1.65 -13.86
N ALA A 199 17.07 -0.31 -13.70
CA ALA A 199 17.64 0.33 -12.50
C ALA A 199 16.54 1.19 -11.89
N SER A 200 16.38 1.09 -10.57
CA SER A 200 15.35 1.83 -9.84
C SER A 200 15.97 2.97 -9.03
N TRP A 201 15.28 4.10 -8.96
CA TRP A 201 15.67 5.32 -8.21
C TRP A 201 14.55 5.73 -7.24
N ALA A 202 14.81 5.55 -5.94
CA ALA A 202 13.81 5.87 -4.91
C ALA A 202 14.46 6.78 -3.88
N ILE A 203 14.54 8.06 -4.20
CA ILE A 203 15.24 9.01 -3.36
C ILE A 203 14.38 9.60 -2.26
N ALA A 204 13.07 9.38 -2.35
CA ALA A 204 12.14 10.17 -1.55
C ALA A 204 11.16 9.47 -0.58
N PRO A 205 10.84 8.19 -0.75
CA PRO A 205 9.90 7.57 0.20
C PRO A 205 10.44 7.59 1.64
N PHE A 206 9.55 7.61 2.64
CA PHE A 206 10.00 7.96 4.00
C PHE A 206 10.36 6.65 4.75
N GLY A 207 11.51 6.09 4.41
CA GLY A 207 11.87 4.73 4.78
C GLY A 207 11.60 3.78 3.63
N HIS A 208 12.21 2.60 3.69
CA HIS A 208 12.23 1.67 2.55
C HIS A 208 11.90 0.23 2.93
N SER A 209 11.16 -0.45 2.05
CA SER A 209 10.66 -1.80 2.27
C SER A 209 11.33 -2.81 1.35
N PRO A 210 11.61 -4.03 1.83
CA PRO A 210 12.15 -5.10 0.99
C PRO A 210 11.10 -5.58 -0.03
N THR A 211 9.85 -5.15 0.10
CA THR A 211 8.88 -5.46 -0.96
C THR A 211 9.33 -4.91 -2.31
N MET A 212 10.03 -3.78 -2.29
N MET A 212 10.05 -3.79 -2.29
CA MET A 212 10.48 -3.21 -3.55
CA MET A 212 10.50 -3.20 -3.54
C MET A 212 11.44 -4.16 -4.26
C MET A 212 11.51 -4.04 -4.31
N PRO A 213 12.61 -4.50 -3.70
CA PRO A 213 13.48 -5.43 -4.47
C PRO A 213 12.74 -6.74 -4.80
N TYR A 214 11.80 -7.20 -3.97
CA TYR A 214 11.05 -8.42 -4.29
C TYR A 214 10.35 -8.28 -5.63
N ILE A 215 9.57 -7.20 -5.79
CA ILE A 215 8.83 -6.97 -7.03
C ILE A 215 9.78 -6.63 -8.18
N LEU A 216 10.76 -5.76 -7.92
CA LEU A 216 11.66 -5.31 -8.98
C LEU A 216 12.47 -6.47 -9.54
N GLN A 217 12.99 -7.34 -8.69
CA GLN A 217 13.80 -8.46 -9.17
C GLN A 217 12.97 -9.44 -10.02
N LYS A 218 11.67 -9.52 -9.76
CA LYS A 218 10.76 -10.37 -10.54
C LYS A 218 10.18 -9.64 -11.77
N SER A 219 10.62 -8.40 -11.98
CA SER A 219 10.22 -7.54 -13.08
C SER A 219 11.44 -7.12 -13.94
N GLY A 220 12.51 -7.92 -13.91
CA GLY A 220 13.69 -7.73 -14.76
C GLY A 220 14.77 -6.78 -14.23
N PHE A 221 14.57 -6.19 -13.06
CA PHE A 221 15.55 -5.23 -12.56
C PHE A 221 16.83 -5.92 -12.14
N LYS A 222 17.91 -5.14 -12.23
CA LYS A 222 19.24 -5.58 -11.81
C LYS A 222 19.83 -4.70 -10.72
N ASN A 223 19.31 -3.49 -10.51
CA ASN A 223 19.91 -2.56 -9.53
C ASN A 223 18.87 -1.63 -8.97
N MET A 224 19.05 -1.19 -7.75
CA MET A 224 18.18 -0.15 -7.18
C MET A 224 18.93 0.78 -6.24
N LEU A 225 18.36 1.98 -6.05
CA LEU A 225 18.97 3.00 -5.22
C LEU A 225 17.91 3.50 -4.23
N ILE A 226 18.34 3.71 -2.98
CA ILE A 226 17.50 4.25 -1.91
C ILE A 226 18.24 5.35 -1.18
N GLN A 227 17.49 6.15 -0.42
CA GLN A 227 18.06 7.30 0.28
C GLN A 227 17.55 7.52 1.70
N ARG A 228 16.24 7.44 1.94
CA ARG A 228 15.73 7.89 3.23
CA ARG A 228 15.73 7.87 3.23
C ARG A 228 15.75 6.75 4.23
N THR A 229 16.92 6.59 4.85
CA THR A 229 17.11 5.63 5.93
C THR A 229 17.63 6.40 7.15
N HIS A 230 17.41 5.81 8.31
CA HIS A 230 17.75 6.45 9.59
C HIS A 230 19.21 6.90 9.57
N TYR A 231 19.46 8.12 10.05
CA TYR A 231 20.82 8.64 10.06
C TYR A 231 21.81 7.71 10.78
N SER A 232 21.37 6.99 11.80
CA SER A 232 22.29 6.10 12.52
C SER A 232 22.65 4.88 11.67
N VAL A 233 21.70 4.43 10.86
CA VAL A 233 21.96 3.33 9.92
C VAL A 233 22.96 3.77 8.83
N LYS A 234 22.77 4.97 8.28
CA LYS A 234 23.75 5.47 7.30
C LYS A 234 25.15 5.46 7.91
N LYS A 235 25.30 5.97 9.14
CA LYS A 235 26.63 6.02 9.79
C LYS A 235 27.22 4.62 9.98
N GLU A 236 26.40 3.70 10.48
CA GLU A 236 26.87 2.34 10.76
C GLU A 236 27.31 1.63 9.49
N LEU A 237 26.49 1.71 8.44
CA LEU A 237 26.83 1.03 7.20
C LEU A 237 28.00 1.72 6.53
N ALA A 238 28.08 3.05 6.62
CA ALA A 238 29.20 3.76 5.97
C ALA A 238 30.53 3.33 6.59
N GLN A 239 30.54 3.20 7.93
CA GLN A 239 31.77 2.80 8.63
C GLN A 239 32.30 1.44 8.15
N GLN A 240 31.39 0.57 7.70
CA GLN A 240 31.77 -0.78 7.26
C GLN A 240 31.80 -0.91 5.73
N ARG A 241 31.63 0.21 5.03
CA ARG A 241 31.43 0.20 3.57
CA ARG A 241 31.45 0.17 3.57
C ARG A 241 30.40 -0.85 3.17
N GLN A 242 29.24 -0.79 3.84
CA GLN A 242 28.10 -1.67 3.55
C GLN A 242 26.91 -0.90 2.99
N LEU A 243 27.18 0.24 2.35
CA LEU A 243 26.11 1.04 1.75
C LEU A 243 25.67 0.48 0.40
N GLU A 244 26.46 -0.37 -0.23
CA GLU A 244 26.06 -1.14 -1.39
C GLU A 244 26.00 -2.61 -0.95
N PHE A 245 24.89 -3.27 -1.25
CA PHE A 245 24.64 -4.62 -0.73
C PHE A 245 23.69 -5.37 -1.64
N LEU A 246 23.73 -6.69 -1.53
CA LEU A 246 22.79 -7.59 -2.23
C LEU A 246 21.62 -7.79 -1.29
N TRP A 247 20.52 -7.12 -1.57
CA TRP A 247 19.37 -7.11 -0.65
C TRP A 247 18.46 -8.30 -0.98
N ARG A 248 18.44 -9.29 -0.09
CA ARG A 248 17.56 -10.47 -0.27
C ARG A 248 16.40 -10.45 0.72
N GLN A 249 15.37 -11.26 0.47
CA GLN A 249 14.24 -11.33 1.40
C GLN A 249 14.65 -12.00 2.70
N ILE A 250 13.93 -11.70 3.79
CA ILE A 250 14.31 -12.19 5.10
C ILE A 250 14.29 -13.72 5.24
N TRP A 251 13.49 -14.39 4.40
CA TRP A 251 13.38 -15.85 4.48
C TRP A 251 14.24 -16.59 3.46
N ASP A 252 14.96 -15.85 2.63
CA ASP A 252 15.63 -16.43 1.47
C ASP A 252 17.01 -17.00 1.80
N ASN A 253 17.06 -18.33 1.98
CA ASN A 253 18.31 -18.97 2.36
C ASN A 253 19.37 -18.99 1.25
N LYS A 254 18.89 -19.21 0.02
CA LYS A 254 19.77 -19.38 -1.15
C LYS A 254 20.27 -18.06 -1.71
N GLY A 255 19.40 -17.04 -1.71
CA GLY A 255 19.75 -15.74 -2.26
C GLY A 255 19.21 -15.41 -3.64
N ASP A 256 18.29 -16.22 -4.17
CA ASP A 256 17.78 -15.98 -5.52
C ASP A 256 16.93 -14.71 -5.62
N THR A 257 16.46 -14.19 -4.50
CA THR A 257 15.71 -12.92 -4.52
C THR A 257 16.60 -11.67 -4.52
N ALA A 258 17.91 -11.86 -4.36
CA ALA A 258 18.81 -10.73 -4.15
C ALA A 258 18.79 -9.69 -5.27
N LEU A 259 18.82 -8.42 -4.87
CA LEU A 259 18.93 -7.30 -5.82
C LEU A 259 20.00 -6.34 -5.33
N PHE A 260 20.97 -6.03 -6.19
CA PHE A 260 22.00 -5.06 -5.83
C PHE A 260 21.37 -3.70 -5.50
N THR A 261 21.73 -3.17 -4.33
CA THR A 261 21.14 -1.94 -3.83
C THR A 261 22.25 -0.97 -3.43
N HIS A 262 22.07 0.29 -3.83
CA HIS A 262 22.93 1.40 -3.40
C HIS A 262 22.14 2.32 -2.45
N MET A 263 22.63 2.46 -1.20
CA MET A 263 22.08 3.44 -0.27
C MET A 263 22.95 4.70 -0.29
N MET A 264 22.34 5.85 -0.55
N MET A 264 22.34 5.85 -0.55
CA MET A 264 23.04 7.13 -0.49
CA MET A 264 23.09 7.10 -0.49
C MET A 264 23.39 7.43 0.98
C MET A 264 23.42 7.42 0.98
N PRO A 265 24.54 8.10 1.23
CA PRO A 265 25.08 8.19 2.59
C PRO A 265 24.64 9.36 3.45
N PHE A 266 24.06 10.42 2.87
CA PHE A 266 23.94 11.69 3.55
C PHE A 266 22.48 12.06 3.82
N TYR A 267 22.28 13.24 4.40
CA TYR A 267 21.01 13.62 4.97
C TYR A 267 19.91 13.88 3.94
N SER A 268 20.28 14.29 2.73
CA SER A 268 19.30 14.69 1.71
C SER A 268 19.77 14.26 0.32
N TYR A 269 18.84 14.28 -0.64
CA TYR A 269 19.19 14.09 -2.04
C TYR A 269 19.51 15.41 -2.76
N ASP A 270 19.46 16.53 -2.06
CA ASP A 270 19.76 17.81 -2.69
C ASP A 270 21.25 17.99 -2.95
N ILE A 271 21.61 19.02 -3.72
CA ILE A 271 23.02 19.18 -4.12
C ILE A 271 23.97 19.36 -2.90
N PRO A 272 23.61 20.16 -1.91
CA PRO A 272 24.48 20.27 -0.73
C PRO A 272 24.78 18.95 -0.03
N HIS A 273 23.92 17.95 -0.16
CA HIS A 273 24.15 16.66 0.51
C HIS A 273 24.44 15.51 -0.45
N THR A 274 24.89 15.82 -1.67
CA THR A 274 25.23 14.76 -2.62
C THR A 274 26.66 14.86 -3.22
N CYS A 275 27.38 15.97 -3.02
CA CYS A 275 28.72 16.01 -3.60
C CYS A 275 29.78 15.36 -2.69
N GLY A 276 29.47 15.25 -1.40
CA GLY A 276 30.47 14.89 -0.39
C GLY A 276 29.92 15.24 0.98
N PRO A 277 30.72 15.04 2.04
CA PRO A 277 30.24 15.17 3.42
C PRO A 277 30.01 16.58 3.96
N ASP A 278 30.56 17.61 3.30
CA ASP A 278 30.46 18.97 3.85
C ASP A 278 29.47 19.83 3.02
N PRO A 279 28.26 20.05 3.53
CA PRO A 279 27.28 20.80 2.72
C PRO A 279 27.66 22.25 2.49
N LYS A 280 28.49 22.83 3.36
CA LYS A 280 28.97 24.21 3.14
C LYS A 280 29.81 24.30 1.87
N VAL A 281 30.54 23.24 1.55
CA VAL A 281 31.29 23.15 0.32
C VAL A 281 30.39 22.76 -0.87
N CYS A 282 29.60 21.69 -0.70
CA CYS A 282 28.77 21.21 -1.81
C CYS A 282 27.77 22.27 -2.28
N CYS A 283 27.24 23.07 -1.36
CA CYS A 283 26.30 24.10 -1.78
C CYS A 283 26.91 25.08 -2.80
N GLN A 284 28.24 25.26 -2.77
CA GLN A 284 28.93 26.14 -3.70
C GLN A 284 29.00 25.57 -5.09
N PHE A 285 28.52 24.34 -5.26
CA PHE A 285 28.50 23.69 -6.56
C PHE A 285 27.07 23.46 -7.03
N ASP A 286 26.12 24.15 -6.40
CA ASP A 286 24.75 24.22 -6.91
C ASP A 286 24.62 25.60 -7.56
N PHE A 287 24.80 25.66 -8.88
CA PHE A 287 24.95 26.97 -9.53
C PHE A 287 23.64 27.73 -9.68
N LYS A 288 22.52 27.13 -9.24
CA LYS A 288 21.25 27.88 -9.16
C LYS A 288 21.19 28.79 -7.91
N ARG A 289 22.19 28.74 -7.02
CA ARG A 289 22.12 29.50 -5.75
C ARG A 289 22.93 30.82 -5.68
N MET A 290 23.20 31.46 -6.81
CA MET A 290 23.98 32.72 -6.76
C MET A 290 23.16 34.01 -6.54
N GLY A 291 21.82 33.92 -6.66
CA GLY A 291 20.94 35.03 -6.33
C GLY A 291 19.74 35.32 -7.25
N SER A 292 19.98 35.29 -8.57
CA SER A 292 18.93 35.68 -9.54
C SER A 292 17.72 34.72 -9.58
N PHE A 293 17.94 33.50 -9.07
CA PHE A 293 16.89 32.49 -8.97
C PHE A 293 16.18 32.52 -7.63
N GLY A 294 16.54 33.46 -6.76
CA GLY A 294 15.90 33.55 -5.46
C GLY A 294 16.29 32.42 -4.52
N LEU A 295 17.45 31.81 -4.76
CA LEU A 295 17.98 30.78 -3.88
C LEU A 295 19.33 31.22 -3.33
N SER A 296 19.68 30.69 -2.17
CA SER A 296 20.96 30.98 -1.52
C SER A 296 21.45 29.75 -0.78
N CYS A 297 22.67 29.83 -0.27
CA CYS A 297 23.25 28.78 0.57
C CYS A 297 23.12 29.12 2.07
N PRO A 298 22.41 28.29 2.86
CA PRO A 298 22.27 28.53 4.30
C PRO A 298 23.58 28.53 5.08
N TRP A 299 24.62 27.94 4.51
CA TRP A 299 25.95 27.89 5.15
C TRP A 299 26.76 29.16 4.85
N LYS A 300 26.15 30.08 4.11
CA LYS A 300 26.61 31.48 4.01
C LYS A 300 27.80 31.70 3.09
N VAL A 301 28.15 30.69 2.29
CA VAL A 301 29.15 30.82 1.24
C VAL A 301 28.46 30.50 -0.10
N PRO A 302 28.35 31.47 -0.99
CA PRO A 302 27.62 31.27 -2.24
C PRO A 302 28.46 30.50 -3.26
N PRO A 303 27.82 29.95 -4.28
CA PRO A 303 28.58 29.45 -5.44
C PRO A 303 29.20 30.64 -6.14
N ARG A 304 30.31 30.38 -6.82
CA ARG A 304 30.92 31.35 -7.70
C ARG A 304 31.07 30.78 -9.09
N THR A 305 30.79 31.60 -10.10
CA THR A 305 30.96 31.20 -11.50
C THR A 305 32.40 30.70 -11.72
N ILE A 306 32.53 29.58 -12.41
CA ILE A 306 33.86 29.01 -12.64
C ILE A 306 34.52 29.78 -13.76
N SER A 307 35.76 30.19 -13.51
CA SER A 307 36.59 30.93 -14.45
C SER A 307 37.97 30.29 -14.50
N ASP A 308 38.77 30.70 -15.47
CA ASP A 308 40.15 30.24 -15.50
C ASP A 308 40.97 30.60 -14.26
N GLN A 309 40.65 31.71 -13.59
CA GLN A 309 41.40 32.15 -12.39
C GLN A 309 40.98 31.46 -11.10
N ASN A 310 39.79 30.84 -11.08
CA ASN A 310 39.40 30.13 -9.87
C ASN A 310 39.22 28.62 -10.05
N VAL A 311 39.34 28.11 -11.29
CA VAL A 311 38.95 26.70 -11.53
C VAL A 311 39.86 25.75 -10.74
N ALA A 312 41.13 26.10 -10.57
CA ALA A 312 42.05 25.22 -9.83
C ALA A 312 41.64 25.09 -8.37
N ALA A 313 41.35 26.22 -7.72
CA ALA A 313 40.96 26.23 -6.31
C ALA A 313 39.59 25.57 -6.14
N ARG A 314 38.67 25.86 -7.04
CA ARG A 314 37.32 25.26 -7.04
C ARG A 314 37.42 23.74 -7.24
N SER A 315 38.20 23.30 -8.21
CA SER A 315 38.42 21.87 -8.42
C SER A 315 39.08 21.19 -7.23
N ASP A 316 40.07 21.82 -6.62
CA ASP A 316 40.67 21.21 -5.46
CA ASP A 316 40.70 21.35 -5.36
C ASP A 316 39.62 20.95 -4.36
N LEU A 317 38.71 21.90 -4.14
CA LEU A 317 37.67 21.73 -3.13
C LEU A 317 36.69 20.62 -3.51
N LEU A 318 36.30 20.58 -4.77
CA LEU A 318 35.28 19.63 -5.22
C LEU A 318 35.83 18.19 -5.24
N VAL A 319 37.05 18.03 -5.76
CA VAL A 319 37.65 16.69 -5.83
C VAL A 319 37.87 16.14 -4.42
N ASP A 320 38.27 17.00 -3.49
CA ASP A 320 38.41 16.60 -2.10
C ASP A 320 37.08 16.07 -1.52
N GLN A 321 35.97 16.75 -1.78
CA GLN A 321 34.66 16.19 -1.41
C GLN A 321 34.36 14.84 -2.04
N TRP A 322 34.60 14.71 -3.35
CA TRP A 322 34.38 13.44 -4.04
C TRP A 322 35.22 12.31 -3.45
N LYS A 323 36.49 12.58 -3.18
CA LYS A 323 37.37 11.53 -2.65
C LYS A 323 36.96 11.10 -1.25
N LYS A 324 36.43 12.04 -0.47
CA LYS A 324 35.87 11.70 0.83
C LYS A 324 34.62 10.82 0.69
N LYS A 325 33.71 11.20 -0.20
CA LYS A 325 32.53 10.37 -0.41
C LYS A 325 32.94 8.96 -0.88
N ALA A 326 33.96 8.88 -1.74
CA ALA A 326 34.40 7.61 -2.32
C ALA A 326 34.94 6.64 -1.24
N GLU A 327 35.41 7.21 -0.13
CA GLU A 327 35.90 6.38 1.00
C GLU A 327 34.81 5.51 1.62
N LEU A 328 33.55 5.88 1.38
CA LEU A 328 32.40 5.17 1.96
C LEU A 328 31.96 3.96 1.18
N TYR A 329 32.57 3.75 0.01
CA TYR A 329 32.16 2.71 -0.95
C TYR A 329 33.37 1.88 -1.39
N ARG A 330 33.10 0.75 -2.03
CA ARG A 330 34.15 -0.25 -2.27
C ARG A 330 34.81 -0.21 -3.63
N THR A 331 34.23 0.48 -4.60
CA THR A 331 34.86 0.53 -5.94
C THR A 331 35.45 1.91 -6.23
N ASN A 332 36.09 2.04 -7.41
CA ASN A 332 36.61 3.34 -7.86
C ASN A 332 35.63 4.07 -8.78
N VAL A 333 34.34 3.78 -8.63
CA VAL A 333 33.30 4.41 -9.45
C VAL A 333 32.37 5.11 -8.48
N LEU A 334 32.18 6.42 -8.65
CA LEU A 334 31.46 7.25 -7.67
C LEU A 334 30.20 7.87 -8.29
N LEU A 335 29.08 7.76 -7.58
CA LEU A 335 27.80 8.36 -8.01
C LEU A 335 27.61 9.73 -7.34
N ILE A 336 27.43 10.78 -8.16
CA ILE A 336 27.16 12.13 -7.67
C ILE A 336 25.84 12.61 -8.30
N PRO A 337 24.72 12.40 -7.62
CA PRO A 337 23.46 13.02 -8.10
C PRO A 337 23.58 14.54 -8.13
N LEU A 338 22.95 15.16 -9.13
CA LEU A 338 22.94 16.63 -9.27
C LEU A 338 21.50 17.11 -9.52
N GLY A 339 20.78 17.41 -8.46
CA GLY A 339 19.38 17.81 -8.59
C GLY A 339 18.70 18.07 -7.29
N ASP A 340 17.40 18.40 -7.39
CA ASP A 340 16.55 18.74 -6.25
C ASP A 340 15.13 18.84 -6.78
N ASP A 341 14.21 19.30 -5.94
CA ASP A 341 12.78 19.30 -6.29
C ASP A 341 12.51 20.26 -7.44
N PHE A 342 11.81 19.76 -8.46
CA PHE A 342 11.40 20.57 -9.60
C PHE A 342 12.54 21.42 -10.17
N ARG A 343 13.75 20.84 -10.19
CA ARG A 343 14.90 21.50 -10.83
C ARG A 343 14.89 21.37 -12.35
N PHE A 344 15.80 22.11 -12.97
CA PHE A 344 15.99 22.09 -14.43
C PHE A 344 14.78 22.60 -15.19
N LYS A 345 14.20 23.68 -14.64
N LYS A 345 14.20 23.70 -14.70
CA LYS A 345 13.08 24.36 -15.25
CA LYS A 345 12.96 24.28 -15.26
C LYS A 345 13.63 25.40 -16.26
C LYS A 345 13.14 25.33 -16.33
N GLN A 346 14.10 26.53 -15.76
N GLN A 346 14.10 26.20 -16.10
CA GLN A 346 14.54 27.65 -16.60
CA GLN A 346 14.32 27.31 -16.98
C GLN A 346 15.68 27.28 -17.60
C GLN A 346 15.59 27.11 -17.74
N ASN A 347 15.65 27.78 -18.87
CA ASN A 347 16.79 27.62 -19.77
C ASN A 347 18.09 28.12 -19.17
N THR A 348 17.99 29.23 -18.43
CA THR A 348 19.14 29.81 -17.75
C THR A 348 19.69 28.87 -16.69
N GLU A 349 18.83 28.05 -16.08
CA GLU A 349 19.27 27.08 -15.09
C GLU A 349 20.02 25.90 -15.71
N TRP A 350 19.49 25.39 -16.82
CA TRP A 350 20.23 24.37 -17.58
C TRP A 350 21.64 24.89 -17.91
N ASP A 351 21.72 26.13 -18.40
CA ASP A 351 23.01 26.69 -18.82
C ASP A 351 23.95 26.83 -17.63
N VAL A 352 23.45 27.35 -16.52
CA VAL A 352 24.32 27.68 -15.40
C VAL A 352 24.92 26.42 -14.78
N GLN A 353 24.13 25.35 -14.70
CA GLN A 353 24.67 24.10 -14.18
C GLN A 353 25.61 23.45 -15.20
N ARG A 354 25.18 23.33 -16.45
CA ARG A 354 25.99 22.66 -17.46
C ARG A 354 27.34 23.35 -17.71
N VAL A 355 27.33 24.67 -17.94
CA VAL A 355 28.56 25.33 -18.38
C VAL A 355 29.59 25.30 -17.25
N ASN A 356 29.15 25.51 -16.01
CA ASN A 356 30.06 25.47 -14.86
C ASN A 356 30.64 24.08 -14.60
N TYR A 357 29.81 23.04 -14.67
CA TYR A 357 30.33 21.67 -14.56
C TYR A 357 31.25 21.30 -15.72
N GLU A 358 30.91 21.71 -16.94
CA GLU A 358 31.84 21.46 -18.06
C GLU A 358 33.24 22.04 -17.83
N ARG A 359 33.30 23.25 -17.28
CA ARG A 359 34.62 23.87 -17.00
C ARG A 359 35.37 23.09 -15.91
N LEU A 360 34.64 22.65 -14.88
CA LEU A 360 35.25 21.79 -13.87
C LEU A 360 35.78 20.48 -14.45
N PHE A 361 34.98 19.79 -15.25
CA PHE A 361 35.41 18.52 -15.85
C PHE A 361 36.64 18.71 -16.73
N GLU A 362 36.66 19.76 -17.54
CA GLU A 362 37.80 19.95 -18.43
C GLU A 362 39.09 20.13 -17.60
N HIS A 363 39.03 20.95 -16.54
CA HIS A 363 40.21 21.13 -15.69
C HIS A 363 40.59 19.84 -14.98
N ILE A 364 39.65 19.25 -14.24
CA ILE A 364 39.94 18.09 -13.44
C ILE A 364 40.49 16.95 -14.27
N ASN A 365 39.86 16.68 -15.42
CA ASN A 365 40.23 15.53 -16.23
C ASN A 365 41.61 15.69 -16.87
N SER A 366 42.08 16.94 -16.93
CA SER A 366 43.36 17.30 -17.57
C SER A 366 44.51 17.37 -16.57
N GLN A 367 44.21 17.41 -15.29
CA GLN A 367 45.23 17.54 -14.25
C GLN A 367 45.52 16.17 -13.68
N ALA A 368 46.62 15.56 -14.14
CA ALA A 368 46.93 14.17 -13.78
C ALA A 368 46.98 13.96 -12.27
N HIS A 369 47.47 14.96 -11.54
CA HIS A 369 47.62 14.86 -10.09
C HIS A 369 46.30 14.50 -9.37
N PHE A 370 45.16 14.82 -9.97
CA PHE A 370 43.86 14.44 -9.37
C PHE A 370 43.54 12.95 -9.52
N ASN A 371 43.98 12.37 -10.63
CA ASN A 371 43.70 10.97 -10.99
C ASN A 371 42.19 10.70 -10.98
N VAL A 372 41.47 11.60 -11.63
CA VAL A 372 40.00 11.54 -11.70
C VAL A 372 39.58 11.67 -13.16
N GLN A 373 38.55 10.92 -13.56
CA GLN A 373 37.84 11.13 -14.82
C GLN A 373 36.37 11.36 -14.45
N ALA A 374 35.89 12.60 -14.64
CA ALA A 374 34.52 12.97 -14.26
C ALA A 374 33.71 13.35 -15.47
N GLN A 375 32.42 12.99 -15.45
CA GLN A 375 31.54 13.27 -16.58
CA GLN A 375 31.53 13.26 -16.58
C GLN A 375 30.08 13.23 -16.16
N PHE A 376 29.22 13.85 -16.97
CA PHE A 376 27.79 13.62 -16.79
C PHE A 376 27.50 12.17 -17.13
N GLY A 377 26.58 11.56 -16.37
CA GLY A 377 26.22 10.18 -16.64
C GLY A 377 24.77 9.94 -16.26
N THR A 378 24.33 8.72 -16.53
CA THR A 378 23.04 8.27 -16.06
C THR A 378 23.20 7.22 -14.97
N LEU A 379 22.08 6.86 -14.37
CA LEU A 379 22.07 5.85 -13.30
C LEU A 379 22.57 4.47 -13.78
N GLN A 380 22.07 4.02 -14.92
CA GLN A 380 22.52 2.74 -15.45
C GLN A 380 24.02 2.75 -15.75
N GLU A 381 24.54 3.88 -16.23
CA GLU A 381 25.97 3.94 -16.52
C GLU A 381 26.78 3.74 -15.24
N TYR A 382 26.33 4.38 -14.15
CA TYR A 382 26.98 4.16 -12.86
C TYR A 382 26.99 2.67 -12.47
N PHE A 383 25.82 2.03 -12.48
CA PHE A 383 25.75 0.64 -12.06
C PHE A 383 26.57 -0.28 -12.99
N ASP A 384 26.52 -0.05 -14.30
CA ASP A 384 27.33 -0.86 -15.22
C ASP A 384 28.81 -0.77 -14.86
N ALA A 385 29.28 0.43 -14.53
CA ALA A 385 30.69 0.60 -14.19
C ALA A 385 31.04 -0.04 -12.85
N VAL A 386 30.14 0.04 -11.88
CA VAL A 386 30.36 -0.64 -10.60
C VAL A 386 30.49 -2.14 -10.81
N HIS A 387 29.62 -2.73 -11.63
CA HIS A 387 29.69 -4.19 -11.81
C HIS A 387 30.88 -4.61 -12.67
N GLN A 388 31.34 -3.74 -13.56
CA GLN A 388 32.60 -3.98 -14.27
C GLN A 388 33.77 -4.06 -13.29
N ALA A 389 33.79 -3.16 -12.31
CA ALA A 389 34.82 -3.16 -11.26
C ALA A 389 34.74 -4.43 -10.43
N GLU A 390 33.53 -4.82 -10.02
CA GLU A 390 33.27 -6.07 -9.31
C GLU A 390 33.81 -7.28 -10.06
N ARG A 391 33.51 -7.38 -11.36
CA ARG A 391 33.97 -8.53 -12.15
C ARG A 391 35.50 -8.50 -12.32
N ALA A 392 36.09 -7.31 -12.30
CA ALA A 392 37.55 -7.17 -12.36
C ALA A 392 38.22 -7.59 -11.03
N GLY A 393 37.41 -7.99 -10.06
CA GLY A 393 37.94 -8.47 -8.80
C GLY A 393 38.23 -7.36 -7.82
N GLN A 394 37.71 -6.19 -8.11
CA GLN A 394 38.10 -5.05 -7.32
C GLN A 394 37.27 -4.87 -6.04
N ALA A 395 36.14 -5.57 -5.96
CA ALA A 395 35.27 -5.48 -4.79
C ALA A 395 34.36 -6.69 -4.65
N GLU A 396 34.00 -7.02 -3.42
CA GLU A 396 32.94 -7.99 -3.14
C GLU A 396 31.92 -7.26 -2.27
N PHE A 397 30.64 -7.54 -2.51
CA PHE A 397 29.57 -6.84 -1.81
C PHE A 397 28.91 -7.71 -0.75
N PRO A 398 28.56 -7.11 0.38
CA PRO A 398 27.89 -7.82 1.46
C PRO A 398 26.43 -8.13 1.11
N THR A 399 25.90 -9.15 1.77
CA THR A 399 24.50 -9.51 1.67
C THR A 399 23.73 -8.88 2.84
N LEU A 400 22.46 -8.54 2.60
CA LEU A 400 21.64 -7.88 3.62
C LEU A 400 20.21 -8.37 3.53
N SER A 401 19.56 -8.53 4.70
CA SER A 401 18.11 -8.67 4.74
C SER A 401 17.53 -7.77 5.82
N GLY A 402 16.24 -7.47 5.69
CA GLY A 402 15.54 -6.62 6.65
C GLY A 402 14.90 -5.44 5.95
N ASP A 403 14.38 -4.50 6.74
CA ASP A 403 13.76 -3.29 6.18
C ASP A 403 14.44 -2.05 6.75
N PHE A 404 13.94 -0.90 6.35
CA PHE A 404 14.47 0.41 6.76
C PHE A 404 13.34 1.30 7.28
N PHE A 405 12.55 0.74 8.20
CA PHE A 405 11.61 1.51 9.01
C PHE A 405 12.01 1.38 10.48
N THR A 406 11.70 2.35 11.33
CA THR A 406 11.11 3.63 11.02
C THR A 406 12.19 4.70 10.81
N TYR A 407 12.04 5.44 9.72
CA TYR A 407 12.98 6.48 9.36
C TYR A 407 12.99 7.63 10.38
N ALA A 408 14.19 8.10 10.69
CA ALA A 408 14.39 9.39 11.34
C ALA A 408 15.46 10.13 10.56
N ASP A 409 15.18 11.40 10.22
CA ASP A 409 16.18 12.21 9.50
C ASP A 409 17.11 13.00 10.44
N ARG A 410 16.71 13.19 11.69
CA ARG A 410 17.53 13.92 12.67
C ARG A 410 16.93 13.74 14.06
N SER A 411 17.81 13.82 15.08
CA SER A 411 17.47 13.75 16.50
CA SER A 411 17.36 13.87 16.46
C SER A 411 16.40 12.71 16.78
N ASP A 412 15.28 13.04 17.43
CA ASP A 412 14.23 12.06 17.75
C ASP A 412 13.04 12.21 16.78
N ASN A 413 13.28 12.84 15.62
CA ASN A 413 12.20 13.10 14.64
C ASN A 413 11.97 11.84 13.76
N TYR A 414 11.20 10.90 14.31
CA TYR A 414 10.80 9.66 13.62
C TYR A 414 9.52 9.87 12.82
N TRP A 415 9.55 9.41 11.58
CA TRP A 415 8.46 9.65 10.66
C TRP A 415 7.42 8.52 10.75
N SER A 416 6.82 8.35 11.93
CA SER A 416 5.78 7.35 12.09
C SER A 416 4.37 7.96 12.05
N GLY A 417 4.26 9.29 11.99
CA GLY A 417 2.95 9.92 11.90
C GLY A 417 2.22 9.57 10.60
N TYR A 418 2.96 9.51 9.49
CA TYR A 418 2.32 9.31 8.18
C TYR A 418 1.80 7.88 8.00
N TYR A 419 2.11 6.99 8.96
CA TYR A 419 1.50 5.66 8.93
C TYR A 419 -0.02 5.75 9.16
N THR A 420 -0.49 6.91 9.67
CA THR A 420 -1.90 7.11 10.03
C THR A 420 -2.53 8.33 9.36
N SER A 421 -1.75 9.36 9.01
CA SER A 421 -2.33 10.62 8.55
C SER A 421 -3.33 10.43 7.43
N ARG A 422 -4.45 11.17 7.50
CA ARG A 422 -5.50 11.11 6.46
C ARG A 422 -6.00 9.66 6.30
N PRO A 423 -6.50 9.07 7.39
CA PRO A 423 -6.89 7.66 7.35
C PRO A 423 -8.12 7.40 6.47
N TYR A 424 -8.98 8.40 6.20
CA TYR A 424 -10.09 8.15 5.28
C TYR A 424 -9.55 7.67 3.94
N HIS A 425 -8.51 8.34 3.44
CA HIS A 425 -8.00 8.02 2.10
C HIS A 425 -7.15 6.76 2.10
N LYS A 426 -6.50 6.45 3.22
CA LYS A 426 -5.83 5.17 3.39
C LYS A 426 -6.82 4.02 3.27
N ARG A 427 -8.00 4.16 3.89
CA ARG A 427 -9.04 3.15 3.75
C ARG A 427 -9.57 3.09 2.30
N MET A 428 -9.81 4.25 1.72
CA MET A 428 -10.25 4.31 0.32
C MET A 428 -9.30 3.59 -0.64
N ASP A 429 -7.99 3.71 -0.40
CA ASP A 429 -7.00 3.00 -1.20
C ASP A 429 -7.31 1.50 -1.26
N ARG A 430 -7.60 0.90 -0.09
CA ARG A 430 -7.84 -0.54 -0.05
C ARG A 430 -9.14 -0.94 -0.74
N VAL A 431 -10.16 -0.08 -0.65
CA VAL A 431 -11.45 -0.34 -1.32
C VAL A 431 -11.21 -0.31 -2.83
N LEU A 432 -10.55 0.75 -3.31
CA LEU A 432 -10.30 0.88 -4.75
C LEU A 432 -9.35 -0.24 -5.25
N MET A 433 -8.38 -0.65 -4.42
CA MET A 433 -7.51 -1.78 -4.79
C MET A 433 -8.33 -2.98 -5.21
N HIS A 434 -9.32 -3.32 -4.40
CA HIS A 434 -10.15 -4.48 -4.65
C HIS A 434 -11.07 -4.27 -5.86
N TYR A 435 -11.66 -3.08 -5.98
N TYR A 435 -11.65 -3.08 -5.98
CA TYR A 435 -12.56 -2.81 -7.10
CA TYR A 435 -12.53 -2.84 -7.12
C TYR A 435 -11.81 -2.84 -8.46
C TYR A 435 -11.80 -2.83 -8.47
N VAL A 436 -10.55 -2.39 -8.47
CA VAL A 436 -9.74 -2.48 -9.70
C VAL A 436 -9.54 -3.97 -10.03
N ARG A 437 -9.14 -4.78 -9.05
CA ARG A 437 -8.92 -6.19 -9.30
C ARG A 437 -10.20 -6.82 -9.82
N ALA A 438 -11.35 -6.57 -9.16
CA ALA A 438 -12.60 -7.20 -9.56
C ALA A 438 -13.05 -6.76 -10.95
N ALA A 439 -12.89 -5.46 -11.27
CA ALA A 439 -13.28 -4.98 -12.59
C ALA A 439 -12.42 -5.59 -13.69
N GLU A 440 -11.10 -5.65 -13.47
CA GLU A 440 -10.21 -6.24 -14.47
C GLU A 440 -10.54 -7.73 -14.64
N MET A 441 -10.80 -8.43 -13.54
CA MET A 441 -11.07 -9.86 -13.60
C MET A 441 -12.43 -10.15 -14.29
N LEU A 442 -13.49 -9.47 -13.84
CA LEU A 442 -14.82 -9.72 -14.39
C LEU A 442 -14.88 -9.46 -15.87
N SER A 443 -14.19 -8.40 -16.33
CA SER A 443 -14.27 -8.04 -17.73
C SER A 443 -13.28 -8.83 -18.60
N ALA A 444 -12.33 -9.53 -17.98
CA ALA A 444 -11.29 -10.27 -18.73
C ALA A 444 -11.87 -11.48 -19.46
N TRP A 445 -12.97 -12.02 -18.94
CA TRP A 445 -13.55 -13.26 -19.48
C TRP A 445 -13.99 -13.11 -20.94
N HIS A 446 -14.32 -11.90 -21.38
CA HIS A 446 -14.74 -11.66 -22.74
C HIS A 446 -13.85 -10.62 -23.41
N SER A 447 -13.87 -10.64 -24.74
CA SER A 447 -13.43 -9.54 -25.57
CA SER A 447 -13.44 -9.50 -25.54
C SER A 447 -14.59 -8.54 -25.70
N TRP A 448 -14.32 -7.24 -25.63
CA TRP A 448 -15.37 -6.23 -25.71
C TRP A 448 -15.19 -5.32 -26.90
N ASP A 449 -16.30 -4.98 -27.55
CA ASP A 449 -16.29 -3.98 -28.59
C ASP A 449 -15.81 -2.63 -28.04
N GLY A 450 -15.10 -1.86 -28.87
CA GLY A 450 -14.65 -0.52 -28.50
C GLY A 450 -15.73 0.38 -27.95
N MET A 451 -16.96 0.24 -28.44
N MET A 451 -16.94 0.24 -28.47
CA MET A 451 -18.06 1.09 -28.02
CA MET A 451 -18.08 1.04 -28.05
C MET A 451 -18.48 0.84 -26.57
C MET A 451 -18.40 0.88 -26.56
N ALA A 452 -18.00 -0.26 -25.99
CA ALA A 452 -18.30 -0.56 -24.59
C ALA A 452 -17.45 0.28 -23.64
N ARG A 453 -16.33 0.83 -24.14
CA ARG A 453 -15.46 1.71 -23.35
C ARG A 453 -14.88 1.01 -22.13
N ILE A 454 -14.68 -0.31 -22.22
CA ILE A 454 -14.15 -1.08 -21.08
C ILE A 454 -12.68 -0.72 -20.86
N GLU A 455 -11.87 -0.75 -21.91
CA GLU A 455 -10.44 -0.45 -21.76
C GLU A 455 -10.24 0.98 -21.27
N GLU A 456 -11.04 1.91 -21.78
CA GLU A 456 -11.00 3.30 -21.36
C GLU A 456 -11.25 3.45 -19.84
N ARG A 457 -12.33 2.83 -19.36
CA ARG A 457 -12.68 2.95 -17.94
C ARG A 457 -11.63 2.28 -17.04
N LEU A 458 -11.11 1.14 -17.49
CA LEU A 458 -10.10 0.43 -16.69
C LEU A 458 -8.79 1.16 -16.65
N GLU A 459 -8.39 1.78 -17.78
CA GLU A 459 -7.16 2.59 -17.79
C GLU A 459 -7.28 3.78 -16.80
N GLN A 460 -8.42 4.44 -16.83
CA GLN A 460 -8.67 5.54 -15.88
C GLN A 460 -8.57 5.03 -14.44
N ALA A 461 -9.23 3.92 -14.13
CA ALA A 461 -9.22 3.44 -12.76
C ALA A 461 -7.79 3.05 -12.33
N ARG A 462 -7.05 2.33 -13.20
CA ARG A 462 -5.69 1.95 -12.84
C ARG A 462 -4.82 3.18 -12.60
N ARG A 463 -5.01 4.21 -13.41
CA ARG A 463 -4.13 5.37 -13.33
C ARG A 463 -4.42 6.22 -12.11
N GLU A 464 -5.69 6.35 -11.72
CA GLU A 464 -5.97 7.14 -10.53
C GLU A 464 -5.52 6.40 -9.27
N LEU A 465 -5.69 5.08 -9.22
CA LEU A 465 -5.20 4.32 -8.07
C LEU A 465 -3.65 4.38 -8.04
N SER A 466 -3.03 4.22 -9.20
CA SER A 466 -1.57 4.29 -9.30
C SER A 466 -1.03 5.63 -8.83
N LEU A 467 -1.69 6.72 -9.23
CA LEU A 467 -1.26 8.05 -8.82
C LEU A 467 -1.24 8.15 -7.30
N PHE A 468 -2.26 7.60 -6.65
CA PHE A 468 -2.40 7.73 -5.20
C PHE A 468 -1.30 6.97 -4.44
N GLN A 469 -0.61 6.05 -5.11
CA GLN A 469 0.53 5.39 -4.45
C GLN A 469 1.71 6.32 -4.18
N HIS A 470 1.68 7.52 -4.78
CA HIS A 470 2.74 8.49 -4.59
C HIS A 470 3.04 8.68 -3.10
N HIS A 471 4.30 9.00 -2.80
CA HIS A 471 4.74 9.21 -1.43
C HIS A 471 4.23 10.51 -0.76
N ASP A 472 3.36 11.29 -1.45
CA ASP A 472 2.52 12.28 -0.76
C ASP A 472 1.02 12.02 -0.91
N GLY A 473 0.65 10.86 -1.47
CA GLY A 473 -0.75 10.52 -1.70
C GLY A 473 -1.24 9.70 -0.51
N ILE A 474 -1.07 8.38 -0.61
CA ILE A 474 -1.52 7.46 0.45
C ILE A 474 -0.92 7.81 1.82
N THR A 475 0.25 8.45 1.84
CA THR A 475 0.92 8.86 3.07
C THR A 475 0.16 9.92 3.85
N GLY A 476 -0.79 10.64 3.21
CA GLY A 476 -1.48 11.68 3.96
C GLY A 476 -0.62 12.91 4.25
N THR A 477 0.34 13.21 3.38
CA THR A 477 1.25 14.33 3.60
C THR A 477 1.08 15.45 2.58
N ALA A 478 -0.08 15.53 1.91
CA ALA A 478 -0.32 16.61 0.94
C ALA A 478 -1.20 17.72 1.51
N LYS A 479 -1.19 18.87 0.85
CA LYS A 479 -2.09 19.97 1.26
C LYS A 479 -3.55 19.55 1.10
N THR A 480 -4.41 20.18 1.88
CA THR A 480 -5.84 19.85 1.88
C THR A 480 -6.45 19.79 0.49
N HIS A 481 -6.21 20.79 -0.36
CA HIS A 481 -6.84 20.81 -1.67
C HIS A 481 -6.29 19.71 -2.58
N VAL A 482 -5.09 19.25 -2.29
CA VAL A 482 -4.47 18.17 -3.05
C VAL A 482 -5.08 16.82 -2.62
N VAL A 483 -5.27 16.63 -1.32
CA VAL A 483 -6.01 15.46 -0.83
C VAL A 483 -7.40 15.38 -1.47
N VAL A 484 -8.05 16.53 -1.61
CA VAL A 484 -9.37 16.55 -2.26
C VAL A 484 -9.28 16.11 -3.71
N ASP A 485 -8.24 16.55 -4.41
CA ASP A 485 -8.02 16.13 -5.79
C ASP A 485 -7.83 14.62 -5.90
N TYR A 486 -7.00 14.05 -5.03
CA TYR A 486 -6.79 12.59 -5.03
C TYR A 486 -8.10 11.88 -4.76
N GLU A 487 -8.88 12.39 -3.79
CA GLU A 487 -10.16 11.76 -3.45
C GLU A 487 -11.12 11.79 -4.63
N GLN A 488 -11.23 12.95 -5.30
CA GLN A 488 -12.13 13.08 -6.47
C GLN A 488 -11.72 12.12 -7.58
N ARG A 489 -10.40 12.00 -7.80
CA ARG A 489 -9.86 11.07 -8.80
C ARG A 489 -10.23 9.63 -8.43
N MET A 490 -10.06 9.25 -7.16
CA MET A 490 -10.40 7.89 -6.73
C MET A 490 -11.91 7.62 -6.81
N GLN A 491 -12.73 8.64 -6.54
CA GLN A 491 -14.18 8.48 -6.68
C GLN A 491 -14.58 8.22 -8.12
N GLU A 492 -13.93 8.91 -9.05
CA GLU A 492 -14.19 8.65 -10.46
C GLU A 492 -13.73 7.24 -10.82
N ALA A 493 -12.60 6.82 -10.26
CA ALA A 493 -12.10 5.47 -10.51
C ALA A 493 -13.08 4.38 -9.99
N LEU A 494 -13.64 4.62 -8.81
CA LEU A 494 -14.63 3.69 -8.26
C LEU A 494 -15.85 3.57 -9.17
N LYS A 495 -16.30 4.69 -9.71
CA LYS A 495 -17.47 4.70 -10.60
C LYS A 495 -17.12 3.96 -11.89
N ALA A 496 -15.89 4.14 -12.39
CA ALA A 496 -15.44 3.41 -13.57
C ALA A 496 -15.45 1.89 -13.33
N CYS A 497 -14.93 1.46 -12.17
CA CYS A 497 -14.91 0.03 -11.84
C CYS A 497 -16.32 -0.51 -11.73
N GLN A 498 -17.22 0.24 -11.09
CA GLN A 498 -18.60 -0.21 -10.97
C GLN A 498 -19.20 -0.43 -12.35
N MET A 499 -18.99 0.50 -13.27
CA MET A 499 -19.57 0.40 -14.60
C MET A 499 -19.08 -0.85 -15.30
N VAL A 500 -17.76 -1.09 -15.25
CA VAL A 500 -17.21 -2.25 -15.92
C VAL A 500 -17.71 -3.55 -15.25
N MET A 501 -17.74 -3.58 -13.93
CA MET A 501 -18.20 -4.76 -13.21
C MET A 501 -19.64 -5.13 -13.55
N GLN A 502 -20.53 -4.14 -13.53
CA GLN A 502 -21.94 -4.45 -13.72
C GLN A 502 -22.24 -4.83 -15.17
N GLN A 503 -21.57 -4.19 -16.14
CA GLN A 503 -21.72 -4.63 -17.54
C GLN A 503 -21.26 -6.08 -17.67
N SER A 504 -20.16 -6.42 -17.00
CA SER A 504 -19.61 -7.78 -17.09
C SER A 504 -20.55 -8.81 -16.46
N VAL A 505 -21.11 -8.51 -15.30
CA VAL A 505 -22.04 -9.43 -14.65
C VAL A 505 -23.25 -9.68 -15.57
N TYR A 506 -23.75 -8.61 -16.17
N TYR A 506 -23.79 -8.61 -16.16
CA TYR A 506 -24.92 -8.75 -17.01
CA TYR A 506 -24.95 -8.78 -17.04
C TYR A 506 -24.62 -9.64 -18.24
C TYR A 506 -24.58 -9.75 -18.18
N ARG A 507 -23.41 -9.56 -18.78
CA ARG A 507 -23.00 -10.42 -19.89
C ARG A 507 -22.77 -11.87 -19.46
N LEU A 508 -22.16 -12.06 -18.30
CA LEU A 508 -21.82 -13.40 -17.87
C LEU A 508 -23.01 -14.22 -17.45
N LEU A 509 -24.10 -13.55 -17.06
CA LEU A 509 -25.27 -14.24 -16.48
C LEU A 509 -26.56 -14.07 -17.29
N THR A 510 -26.47 -13.64 -18.55
CA THR A 510 -27.66 -13.56 -19.40
C THR A 510 -27.51 -14.52 -20.57
N LYS A 511 -28.60 -15.22 -20.88
CA LYS A 511 -28.60 -16.14 -22.02
C LYS A 511 -28.08 -15.42 -23.25
N PRO A 512 -27.07 -15.98 -23.90
CA PRO A 512 -26.41 -15.29 -25.00
C PRO A 512 -27.32 -14.77 -26.13
N SER A 513 -28.33 -15.53 -26.53
CA SER A 513 -29.20 -15.08 -27.62
C SER A 513 -30.20 -14.00 -27.19
N ILE A 514 -30.22 -13.67 -25.89
CA ILE A 514 -31.10 -12.64 -25.32
C ILE A 514 -30.32 -11.35 -25.00
N TYR A 515 -29.04 -11.51 -24.66
CA TYR A 515 -28.19 -10.40 -24.23
C TYR A 515 -28.23 -9.26 -25.24
N SER A 516 -28.63 -8.07 -24.76
CA SER A 516 -28.80 -6.90 -25.64
C SER A 516 -28.32 -5.62 -24.93
N PRO A 517 -27.01 -5.43 -24.82
CA PRO A 517 -26.49 -4.39 -23.94
C PRO A 517 -26.59 -2.96 -24.46
N ASP A 518 -26.95 -2.07 -23.55
CA ASP A 518 -26.73 -0.65 -23.74
C ASP A 518 -25.52 -0.37 -22.85
N PHE A 519 -24.39 -0.02 -23.46
CA PHE A 519 -23.13 0.11 -22.72
C PHE A 519 -23.10 1.31 -21.77
N SER A 520 -24.11 2.18 -21.85
CA SER A 520 -24.24 3.32 -20.93
C SER A 520 -25.19 3.05 -19.73
N PHE A 521 -25.93 1.93 -19.79
CA PHE A 521 -27.01 1.65 -18.83
C PHE A 521 -26.48 0.90 -17.60
N SER A 522 -27.11 1.17 -16.45
CA SER A 522 -26.79 0.45 -15.21
C SER A 522 -27.76 -0.72 -14.98
N TYR A 523 -27.32 -1.89 -15.39
CA TYR A 523 -28.08 -3.13 -15.15
C TYR A 523 -28.08 -3.55 -13.68
N PHE A 524 -26.99 -3.24 -12.99
CA PHE A 524 -26.87 -3.50 -11.56
C PHE A 524 -26.23 -2.31 -10.90
N THR A 525 -26.54 -2.13 -9.63
CA THR A 525 -25.72 -1.23 -8.82
C THR A 525 -24.99 -2.04 -7.75
N LEU A 526 -23.79 -1.60 -7.42
CA LEU A 526 -23.04 -2.24 -6.35
C LEU A 526 -23.59 -1.83 -5.01
N ASP A 527 -23.60 -2.78 -4.09
CA ASP A 527 -23.99 -2.53 -2.71
C ASP A 527 -22.76 -2.83 -1.88
N ASP A 528 -22.27 -1.84 -1.16
CA ASP A 528 -21.08 -2.03 -0.34
C ASP A 528 -21.43 -1.65 1.10
N SER A 529 -21.38 -2.63 1.99
CA SER A 529 -21.73 -2.46 3.41
C SER A 529 -20.66 -1.78 4.23
N ARG A 530 -19.45 -1.63 3.69
CA ARG A 530 -18.35 -1.11 4.50
C ARG A 530 -17.61 0.05 3.90
N TRP A 531 -18.12 0.61 2.81
CA TRP A 531 -17.51 1.82 2.24
C TRP A 531 -18.57 2.62 1.52
N PRO A 532 -18.70 3.92 1.79
CA PRO A 532 -17.94 4.65 2.84
C PRO A 532 -18.31 4.22 4.27
N GLY A 533 -19.43 3.53 4.42
CA GLY A 533 -19.83 3.01 5.70
C GLY A 533 -21.01 3.69 6.32
N SER A 534 -21.67 2.91 7.18
CA SER A 534 -22.74 3.39 8.03
C SER A 534 -22.21 4.49 8.91
N GLY A 535 -22.89 5.63 8.86
CA GLY A 535 -22.50 6.76 9.67
C GLY A 535 -21.48 7.65 8.99
N VAL A 536 -21.01 7.22 7.82
CA VAL A 536 -20.06 8.03 7.04
C VAL A 536 -20.82 8.69 5.89
N GLU A 537 -21.48 7.87 5.08
CA GLU A 537 -22.34 8.37 3.99
C GLU A 537 -23.59 7.50 3.89
N ASP A 538 -24.75 8.15 3.68
CA ASP A 538 -25.96 7.42 3.35
C ASP A 538 -25.93 7.17 1.84
N SER A 539 -25.35 6.04 1.45
CA SER A 539 -25.08 5.78 0.03
C SER A 539 -25.77 4.53 -0.48
N ARG A 540 -26.17 3.65 0.43
CA ARG A 540 -26.71 2.34 0.06
C ARG A 540 -28.14 2.45 -0.38
N THR A 541 -28.47 1.73 -1.45
CA THR A 541 -29.85 1.70 -1.91
C THR A 541 -30.63 0.62 -1.16
N THR A 542 -31.87 0.91 -0.88
CA THR A 542 -32.80 -0.05 -0.32
C THR A 542 -33.45 -0.80 -1.46
N ILE A 543 -33.57 -2.11 -1.30
CA ILE A 543 -34.35 -2.90 -2.24
C ILE A 543 -35.81 -2.71 -1.85
N ILE A 544 -36.56 -2.09 -2.75
CA ILE A 544 -37.95 -1.73 -2.45
C ILE A 544 -38.89 -2.74 -3.07
N LEU A 545 -39.55 -3.46 -2.17
CA LEU A 545 -40.49 -4.53 -2.53
C LEU A 545 -41.85 -4.16 -1.97
N GLY A 546 -42.91 -4.72 -2.56
CA GLY A 546 -44.25 -4.43 -2.07
C GLY A 546 -45.24 -5.03 -3.01
N GLU A 547 -46.39 -5.40 -2.46
CA GLU A 547 -47.45 -6.07 -3.23
C GLU A 547 -47.92 -5.23 -4.43
N ASP A 548 -47.90 -3.91 -4.25
CA ASP A 548 -48.39 -2.99 -5.28
C ASP A 548 -47.26 -2.37 -6.08
N ILE A 549 -46.06 -2.94 -5.99
CA ILE A 549 -44.93 -2.40 -6.77
C ILE A 549 -44.02 -3.47 -7.39
N LEU A 550 -43.57 -4.41 -6.59
CA LEU A 550 -42.55 -5.34 -7.03
C LEU A 550 -42.42 -6.45 -6.00
N PRO A 551 -42.69 -7.69 -6.38
CA PRO A 551 -42.65 -8.79 -5.41
C PRO A 551 -41.25 -9.30 -5.06
N SER A 552 -40.29 -9.20 -5.97
CA SER A 552 -39.00 -9.83 -5.74
C SER A 552 -37.89 -9.09 -6.47
N LYS A 553 -36.65 -9.40 -6.06
CA LYS A 553 -35.47 -8.77 -6.64
C LYS A 553 -34.33 -9.80 -6.73
N HIS A 554 -33.67 -9.84 -7.88
CA HIS A 554 -32.44 -10.60 -8.06
C HIS A 554 -31.21 -9.81 -7.55
N VAL A 555 -30.33 -10.52 -6.85
CA VAL A 555 -29.02 -10.00 -6.44
C VAL A 555 -27.97 -11.02 -6.88
N VAL A 556 -26.75 -10.54 -7.12
CA VAL A 556 -25.65 -11.39 -7.60
C VAL A 556 -24.42 -11.08 -6.76
N MET A 557 -23.75 -12.13 -6.32
CA MET A 557 -22.45 -11.99 -5.66
C MET A 557 -21.31 -12.45 -6.57
N HIS A 558 -20.17 -11.73 -6.51
CA HIS A 558 -18.93 -12.09 -7.18
C HIS A 558 -17.86 -12.46 -6.15
N ASN A 559 -17.08 -13.51 -6.45
CA ASN A 559 -15.99 -13.94 -5.62
C ASN A 559 -14.70 -13.89 -6.43
N THR A 560 -13.85 -12.88 -6.19
CA THR A 560 -12.64 -12.75 -6.98
C THR A 560 -11.57 -13.78 -6.61
N LEU A 561 -11.70 -14.46 -5.47
CA LEU A 561 -10.68 -15.42 -5.03
C LEU A 561 -10.86 -16.77 -5.74
N PRO A 562 -9.75 -17.47 -6.01
CA PRO A 562 -9.82 -18.75 -6.74
C PRO A 562 -10.15 -19.99 -5.90
N HIS A 563 -11.07 -19.83 -4.95
CA HIS A 563 -11.60 -20.97 -4.21
C HIS A 563 -13.05 -20.70 -3.89
N TRP A 564 -13.85 -21.77 -3.73
CA TRP A 564 -15.24 -21.58 -3.28
C TRP A 564 -15.27 -20.80 -1.99
N ARG A 565 -16.23 -19.89 -1.89
CA ARG A 565 -16.37 -19.13 -0.67
C ARG A 565 -17.84 -19.10 -0.27
N GLU A 566 -18.06 -19.30 1.01
CA GLU A 566 -19.30 -18.92 1.64
C GLU A 566 -18.99 -17.69 2.49
N GLN A 567 -19.94 -16.77 2.55
CA GLN A 567 -19.76 -15.55 3.32
C GLN A 567 -21.17 -15.05 3.58
N LEU A 568 -21.43 -14.55 4.79
CA LEU A 568 -22.67 -13.78 4.98
C LEU A 568 -22.60 -12.47 4.19
N VAL A 569 -23.72 -12.14 3.57
CA VAL A 569 -23.90 -10.89 2.85
C VAL A 569 -25.18 -10.22 3.36
N ASP A 570 -25.24 -8.89 3.30
CA ASP A 570 -26.44 -8.19 3.75
C ASP A 570 -26.88 -7.15 2.76
N PHE A 571 -28.18 -6.94 2.73
CA PHE A 571 -28.82 -5.91 1.89
C PHE A 571 -29.84 -5.16 2.74
N TYR A 572 -30.12 -3.92 2.36
CA TYR A 572 -31.24 -3.18 2.94
C TYR A 572 -32.48 -3.48 2.12
N VAL A 573 -33.59 -3.71 2.82
CA VAL A 573 -34.89 -4.03 2.20
C VAL A 573 -36.00 -3.22 2.88
N SER A 574 -37.08 -2.96 2.16
CA SER A 574 -38.14 -2.08 2.65
C SER A 574 -39.19 -2.78 3.53
N SER A 575 -39.03 -4.08 3.77
CA SER A 575 -39.94 -4.85 4.64
C SER A 575 -39.14 -5.88 5.42
N PRO A 576 -39.56 -6.22 6.64
CA PRO A 576 -38.91 -7.31 7.37
C PRO A 576 -39.34 -8.69 6.88
N PHE A 577 -40.41 -8.78 6.09
CA PHE A 577 -40.97 -10.07 5.69
C PHE A 577 -40.43 -10.46 4.33
N VAL A 578 -39.17 -10.86 4.34
CA VAL A 578 -38.44 -11.15 3.11
C VAL A 578 -37.76 -12.50 3.27
N SER A 579 -37.82 -13.30 2.22
CA SER A 579 -37.08 -14.55 2.25
C SER A 579 -36.21 -14.69 1.03
N VAL A 580 -35.24 -15.58 1.15
CA VAL A 580 -34.20 -15.73 0.16
C VAL A 580 -34.25 -17.13 -0.45
N THR A 581 -34.06 -17.19 -1.77
CA THR A 581 -33.89 -18.44 -2.51
C THR A 581 -32.68 -18.31 -3.44
N ASP A 582 -32.13 -19.48 -3.81
CA ASP A 582 -31.11 -19.49 -4.87
C ASP A 582 -31.82 -19.61 -6.24
N LEU A 583 -31.11 -19.67 -7.36
CA LEU A 583 -31.90 -19.69 -8.60
C LEU A 583 -32.32 -21.11 -9.03
N ALA A 584 -32.25 -22.08 -8.11
CA ALA A 584 -33.08 -23.30 -8.24
C ALA A 584 -34.27 -23.25 -7.31
N ASN A 585 -34.51 -22.07 -6.72
N ASN A 585 -34.54 -22.08 -6.72
CA ASN A 585 -35.65 -21.85 -5.84
CA ASN A 585 -35.68 -21.89 -5.83
C ASN A 585 -35.55 -22.69 -4.55
C ASN A 585 -35.53 -22.57 -4.45
N ASN A 586 -34.33 -23.01 -4.13
CA ASN A 586 -34.07 -23.64 -2.83
C ASN A 586 -34.08 -22.54 -1.78
N PRO A 587 -34.83 -22.69 -0.70
CA PRO A 587 -34.82 -21.67 0.36
C PRO A 587 -33.43 -21.54 0.97
N VAL A 588 -33.07 -20.33 1.39
CA VAL A 588 -31.79 -20.06 2.01
C VAL A 588 -32.11 -19.42 3.37
N GLU A 589 -31.52 -19.92 4.44
CA GLU A 589 -31.77 -19.36 5.77
C GLU A 589 -31.30 -17.92 5.84
N ALA A 590 -32.12 -17.05 6.41
CA ALA A 590 -31.79 -15.63 6.49
C ALA A 590 -32.13 -15.10 7.87
N GLN A 591 -31.51 -13.96 8.20
CA GLN A 591 -31.78 -13.24 9.43
C GLN A 591 -32.09 -11.80 9.07
N VAL A 592 -33.12 -11.23 9.70
CA VAL A 592 -33.41 -9.83 9.52
C VAL A 592 -33.10 -9.11 10.83
N SER A 593 -32.46 -7.95 10.70
CA SER A 593 -32.09 -7.08 11.84
C SER A 593 -32.54 -5.66 11.50
N PRO A 594 -32.66 -4.79 12.50
CA PRO A 594 -32.97 -3.39 12.21
C PRO A 594 -31.80 -2.68 11.54
N VAL A 595 -32.07 -1.50 10.98
CA VAL A 595 -31.03 -0.58 10.55
C VAL A 595 -30.85 0.45 11.66
N TRP A 596 -29.68 0.41 12.31
CA TRP A 596 -29.39 1.26 13.45
C TRP A 596 -28.41 2.32 13.04
N SER A 597 -28.72 3.55 13.40
CA SER A 597 -27.79 4.66 13.17
CA SER A 597 -27.88 4.73 13.13
C SER A 597 -27.54 5.40 14.47
N TRP A 598 -26.30 5.87 14.61
CA TRP A 598 -25.90 6.52 15.85
C TRP A 598 -25.88 8.02 15.72
N HIS A 599 -26.41 8.69 16.73
CA HIS A 599 -26.64 10.12 16.62
C HIS A 599 -26.00 10.77 17.81
N HIS A 600 -25.18 11.80 17.56
CA HIS A 600 -24.67 12.61 18.65
C HIS A 600 -25.75 13.64 18.92
N ASP A 601 -26.53 13.34 19.94
CA ASP A 601 -27.67 14.13 20.32
C ASP A 601 -27.16 15.41 21.00
N THR A 602 -27.15 16.52 20.27
CA THR A 602 -26.58 17.75 20.83
C THR A 602 -27.50 18.44 21.83
N LEU A 603 -28.72 17.91 21.97
CA LEU A 603 -29.66 18.33 23.01
C LEU A 603 -29.39 17.62 24.35
N THR A 604 -29.40 16.28 24.34
CA THR A 604 -29.16 15.49 25.57
C THR A 604 -27.68 15.28 25.89
N LYS A 605 -26.81 15.59 24.93
CA LYS A 605 -25.36 15.40 25.08
C LYS A 605 -25.01 13.94 25.31
N THR A 606 -25.69 13.06 24.58
CA THR A 606 -25.35 11.64 24.60
C THR A 606 -25.22 11.18 23.17
N ILE A 607 -24.58 10.03 22.99
CA ILE A 607 -24.47 9.38 21.69
C ILE A 607 -25.28 8.08 21.77
N HIS A 608 -26.33 7.96 20.94
CA HIS A 608 -27.26 6.85 21.11
C HIS A 608 -27.83 6.45 19.76
N PRO A 609 -28.29 5.22 19.62
CA PRO A 609 -28.79 4.71 18.35
C PRO A 609 -30.27 4.95 18.13
N GLN A 610 -30.63 5.17 16.86
CA GLN A 610 -32.03 5.21 16.45
C GLN A 610 -32.25 4.15 15.38
N GLY A 611 -33.41 3.53 15.41
CA GLY A 611 -33.75 2.47 14.47
C GLY A 611 -34.66 2.98 13.37
N SER A 612 -34.49 2.45 12.17
CA SER A 612 -35.41 2.82 11.08
C SER A 612 -36.74 2.12 11.26
N THR A 613 -37.84 2.78 10.87
CA THR A 613 -39.16 2.13 10.89
C THR A 613 -39.64 1.71 9.50
N THR A 614 -38.79 1.89 8.50
CA THR A 614 -39.16 1.55 7.10
C THR A 614 -38.08 0.81 6.30
N LYS A 615 -36.88 0.62 6.85
CA LYS A 615 -35.89 -0.22 6.17
C LYS A 615 -35.23 -1.14 7.17
N TYR A 616 -34.82 -2.31 6.68
CA TYR A 616 -34.35 -3.42 7.51
C TYR A 616 -33.15 -4.03 6.80
N ARG A 617 -32.32 -4.75 7.57
CA ARG A 617 -31.19 -5.48 6.99
C ARG A 617 -31.55 -6.95 6.90
N ILE A 618 -31.35 -7.55 5.73
CA ILE A 618 -31.45 -8.99 5.60
C ILE A 618 -30.06 -9.56 5.33
N ILE A 619 -29.78 -10.67 6.00
CA ILE A 619 -28.45 -11.29 6.02
C ILE A 619 -28.59 -12.76 5.69
N PHE A 620 -27.72 -13.28 4.83
CA PHE A 620 -27.79 -14.70 4.49
C PHE A 620 -26.43 -15.14 3.96
N LYS A 621 -26.20 -16.45 3.94
CA LYS A 621 -24.94 -16.97 3.43
C LYS A 621 -25.01 -17.15 1.92
N ALA A 622 -24.07 -16.51 1.23
CA ALA A 622 -23.92 -16.68 -0.21
C ALA A 622 -22.77 -17.66 -0.47
N ARG A 623 -22.99 -18.61 -1.38
CA ARG A 623 -21.97 -19.59 -1.73
C ARG A 623 -21.60 -19.34 -3.18
N VAL A 624 -20.35 -19.00 -3.43
CA VAL A 624 -19.95 -18.44 -4.74
C VAL A 624 -18.74 -19.21 -5.28
N PRO A 625 -18.80 -19.58 -6.57
CA PRO A 625 -17.69 -20.36 -7.15
C PRO A 625 -16.36 -19.60 -7.17
N PRO A 626 -15.26 -20.32 -7.35
CA PRO A 626 -13.96 -19.65 -7.51
C PRO A 626 -14.02 -18.68 -8.69
N MET A 627 -13.58 -17.43 -8.49
CA MET A 627 -13.55 -16.41 -9.57
C MET A 627 -14.89 -16.37 -10.32
N GLY A 628 -15.98 -16.48 -9.54
CA GLY A 628 -17.29 -16.71 -10.14
C GLY A 628 -18.42 -15.87 -9.57
N LEU A 629 -19.64 -16.22 -9.99
CA LEU A 629 -20.85 -15.46 -9.64
C LEU A 629 -21.96 -16.41 -9.20
N ALA A 630 -22.80 -15.92 -8.29
CA ALA A 630 -23.98 -16.68 -7.83
C ALA A 630 -25.14 -15.72 -7.68
N THR A 631 -26.31 -16.17 -8.14
CA THR A 631 -27.54 -15.36 -8.13
C THR A 631 -28.52 -15.82 -7.07
N TYR A 632 -29.12 -14.86 -6.36
CA TYR A 632 -30.15 -15.13 -5.36
C TYR A 632 -31.34 -14.22 -5.61
N VAL A 633 -32.48 -14.59 -5.02
CA VAL A 633 -33.72 -13.83 -5.15
C VAL A 633 -34.28 -13.52 -3.76
N LEU A 634 -34.64 -12.26 -3.56
CA LEU A 634 -35.30 -11.77 -2.33
C LEU A 634 -36.78 -11.54 -2.66
N THR A 635 -37.68 -12.15 -1.88
CA THR A 635 -39.13 -12.10 -2.14
C THR A 635 -39.87 -11.63 -0.89
N ILE A 636 -40.82 -10.72 -1.10
CA ILE A 636 -41.62 -10.24 0.03
C ILE A 636 -42.82 -11.17 0.30
N SER A 637 -43.24 -11.22 1.55
CA SER A 637 -44.50 -11.89 1.91
C SER A 637 -45.28 -11.02 2.89
N ASP A 638 -46.52 -11.42 3.19
CA ASP A 638 -47.35 -10.61 4.10
C ASP A 638 -46.99 -10.79 5.57
N SER A 639 -46.31 -11.90 5.89
CA SER A 639 -45.98 -12.27 7.26
C SER A 639 -44.63 -12.96 7.36
N LYS A 640 -44.19 -13.27 8.57
CA LYS A 640 -42.90 -13.93 8.78
C LYS A 640 -42.73 -15.16 7.90
N PRO A 641 -41.72 -15.16 7.03
CA PRO A 641 -41.39 -16.32 6.20
C PRO A 641 -40.81 -17.47 7.01
N GLU A 642 -41.00 -18.70 6.54
CA GLU A 642 -40.50 -19.89 7.23
C GLU A 642 -38.98 -19.89 7.48
N HIS A 643 -38.21 -19.42 6.52
CA HIS A 643 -36.74 -19.53 6.57
C HIS A 643 -36.01 -18.24 6.96
N THR A 644 -36.74 -17.30 7.55
CA THR A 644 -36.16 -16.03 7.99
C THR A 644 -36.39 -15.89 9.49
N SER A 645 -35.33 -15.59 10.25
CA SER A 645 -35.45 -15.34 11.68
C SER A 645 -35.17 -13.86 11.95
N TYR A 646 -35.47 -13.40 13.18
CA TYR A 646 -35.38 -11.99 13.53
C TYR A 646 -34.52 -11.83 14.75
N ALA A 647 -33.54 -10.94 14.67
CA ALA A 647 -32.65 -10.67 15.78
C ALA A 647 -33.39 -10.03 16.95
N SER A 648 -32.93 -10.34 18.16
CA SER A 648 -33.37 -9.56 19.31
C SER A 648 -32.44 -8.34 19.45
N ASN A 649 -32.91 -7.31 20.16
CA ASN A 649 -32.14 -6.09 20.36
C ASN A 649 -32.30 -5.63 21.79
N LEU A 650 -31.18 -5.26 22.41
CA LEU A 650 -31.15 -4.86 23.81
C LEU A 650 -30.33 -3.61 23.94
N LEU A 651 -30.95 -2.55 24.44
CA LEU A 651 -30.31 -1.26 24.63
C LEU A 651 -29.97 -1.11 26.12
N LEU A 652 -28.68 -0.99 26.41
CA LEU A 652 -28.20 -0.88 27.79
C LEU A 652 -27.81 0.56 28.06
N ARG A 653 -28.61 1.19 28.92
CA ARG A 653 -28.37 2.52 29.41
C ARG A 653 -29.41 2.88 30.49
N LYS A 654 -29.04 3.75 31.40
CA LYS A 654 -29.98 4.31 32.36
C LYS A 654 -30.84 5.36 31.63
N ASN A 655 -32.05 5.59 32.10
CA ASN A 655 -32.95 6.53 31.44
C ASN A 655 -33.12 6.27 29.95
N PRO A 656 -33.56 5.08 29.59
CA PRO A 656 -33.86 4.79 28.18
C PRO A 656 -35.14 5.49 27.73
N THR A 657 -35.26 5.70 26.43
CA THR A 657 -36.51 6.08 25.80
C THR A 657 -36.81 5.02 24.77
N SER A 658 -38.06 4.97 24.32
CA SER A 658 -38.53 3.92 23.42
C SER A 658 -37.81 3.94 22.08
N LEU A 659 -37.84 2.79 21.41
CA LEU A 659 -37.21 2.62 20.09
C LEU A 659 -38.13 1.80 19.21
N PRO A 660 -39.15 2.45 18.63
CA PRO A 660 -40.08 1.73 17.74
C PRO A 660 -39.39 1.34 16.43
N LEU A 661 -39.81 0.22 15.85
CA LEU A 661 -39.15 -0.32 14.64
C LEU A 661 -40.12 -0.70 13.53
N GLY A 662 -41.30 -0.08 13.48
CA GLY A 662 -42.27 -0.34 12.42
C GLY A 662 -42.76 -1.77 12.47
N GLN A 663 -42.71 -2.44 11.32
CA GLN A 663 -43.19 -3.82 11.22
C GLN A 663 -42.25 -4.87 11.82
N TYR A 664 -41.06 -4.47 12.23
CA TYR A 664 -40.11 -5.44 12.79
C TYR A 664 -40.79 -6.20 13.93
N PRO A 665 -40.81 -7.54 13.86
CA PRO A 665 -41.67 -8.31 14.77
C PRO A 665 -41.23 -8.47 16.23
N GLU A 666 -40.01 -8.06 16.58
CA GLU A 666 -39.53 -8.23 17.96
C GLU A 666 -39.34 -6.86 18.59
N ASP A 667 -39.94 -6.65 19.75
CA ASP A 667 -39.78 -5.37 20.44
C ASP A 667 -38.37 -5.23 21.04
N VAL A 668 -37.79 -4.04 20.94
CA VAL A 668 -36.51 -3.74 21.61
C VAL A 668 -36.67 -3.87 23.13
N LYS A 669 -35.67 -4.44 23.77
CA LYS A 669 -35.57 -4.61 25.23
C LYS A 669 -34.58 -3.60 25.80
N PHE A 670 -34.78 -3.24 27.06
CA PHE A 670 -33.95 -2.22 27.73
C PHE A 670 -33.38 -2.78 29.03
N GLY A 671 -32.24 -2.24 29.45
CA GLY A 671 -31.67 -2.58 30.75
C GLY A 671 -30.63 -1.58 31.17
N ASP A 672 -30.30 -1.60 32.45
CA ASP A 672 -29.12 -0.84 32.92
C ASP A 672 -27.84 -1.47 32.34
N PRO A 673 -26.77 -0.67 32.16
CA PRO A 673 -25.49 -1.23 31.71
C PRO A 673 -25.08 -2.42 32.55
N ARG A 674 -24.55 -3.43 31.90
CA ARG A 674 -24.15 -4.67 32.58
C ARG A 674 -23.20 -5.44 31.68
N GLU A 675 -22.38 -6.29 32.28
CA GLU A 675 -21.55 -7.20 31.49
C GLU A 675 -22.43 -8.20 30.73
N ILE A 676 -22.00 -8.57 29.53
CA ILE A 676 -22.73 -9.56 28.77
C ILE A 676 -21.80 -10.48 28.00
N SER A 677 -22.32 -11.63 27.61
CA SER A 677 -21.60 -12.67 26.87
CA SER A 677 -21.57 -12.58 26.80
C SER A 677 -22.40 -13.06 25.64
N LEU A 678 -21.73 -13.32 24.53
CA LEU A 678 -22.40 -13.76 23.30
C LEU A 678 -21.64 -14.88 22.65
N ARG A 679 -22.37 -15.76 21.99
CA ARG A 679 -21.77 -16.82 21.18
C ARG A 679 -22.67 -17.03 19.96
N VAL A 680 -22.06 -16.96 18.79
CA VAL A 680 -22.72 -17.30 17.54
C VAL A 680 -22.24 -18.67 17.04
N GLY A 681 -23.21 -19.51 16.67
CA GLY A 681 -22.94 -20.87 16.23
C GLY A 681 -22.14 -21.65 17.26
N ASN A 682 -21.16 -22.41 16.79
CA ASN A 682 -20.27 -23.15 17.69
C ASN A 682 -18.91 -22.44 17.78
N GLY A 683 -18.93 -21.13 17.53
CA GLY A 683 -17.72 -20.32 17.50
C GLY A 683 -17.34 -19.85 18.89
N PRO A 684 -16.48 -18.83 18.98
CA PRO A 684 -16.00 -18.40 20.30
C PRO A 684 -17.09 -17.70 21.12
N THR A 685 -16.91 -17.68 22.42
CA THR A 685 -17.77 -16.92 23.32
C THR A 685 -17.02 -15.69 23.76
N LEU A 686 -17.64 -14.53 23.52
CA LEU A 686 -17.03 -13.24 23.81
C LEU A 686 -17.75 -12.61 24.99
N ALA A 687 -16.95 -12.10 25.93
CA ALA A 687 -17.50 -11.37 27.06
C ALA A 687 -17.15 -9.89 26.97
N PHE A 688 -18.09 -9.02 27.35
CA PHE A 688 -17.95 -7.57 27.23
C PHE A 688 -18.14 -6.87 28.56
N SER A 689 -17.41 -5.79 28.77
CA SER A 689 -17.60 -4.93 29.93
C SER A 689 -18.93 -4.18 29.86
N GLU A 690 -19.31 -3.57 30.97
CA GLU A 690 -20.49 -2.72 30.97
C GLU A 690 -20.38 -1.50 30.05
N GLN A 691 -19.17 -1.17 29.62
CA GLN A 691 -19.03 -0.12 28.61
C GLN A 691 -19.01 -0.62 27.17
N GLY A 692 -19.27 -1.89 26.97
CA GLY A 692 -19.44 -2.45 25.62
C GLY A 692 -18.15 -2.86 24.93
N LEU A 693 -17.07 -3.02 25.71
CA LEU A 693 -15.75 -3.35 25.15
C LEU A 693 -15.37 -4.78 25.52
N LEU A 694 -14.80 -5.49 24.54
CA LEU A 694 -14.36 -6.85 24.77
C LEU A 694 -13.48 -6.94 26.02
N LYS A 695 -13.72 -7.98 26.81
CA LYS A 695 -12.86 -8.29 27.96
C LYS A 695 -12.25 -9.69 27.94
N SER A 696 -12.87 -10.63 27.24
CA SER A 696 -12.35 -12.00 27.19
C SER A 696 -12.91 -12.77 26.01
N ILE A 697 -12.13 -13.77 25.55
CA ILE A 697 -12.52 -14.70 24.52
C ILE A 697 -12.34 -16.14 25.00
N GLN A 698 -13.38 -16.94 24.81
CA GLN A 698 -13.34 -18.35 25.18
C GLN A 698 -13.50 -19.14 23.90
N LEU A 699 -12.43 -19.83 23.50
CA LEU A 699 -12.43 -20.48 22.20
C LEU A 699 -13.40 -21.64 22.06
N THR A 700 -13.49 -22.48 23.09
CA THR A 700 -14.34 -23.67 23.09
C THR A 700 -15.09 -23.79 24.42
N GLN A 701 -16.08 -24.68 24.47
CA GLN A 701 -16.90 -24.95 25.66
C GLN A 701 -16.15 -25.05 26.99
N ASP A 702 -15.01 -25.75 27.00
CA ASP A 702 -14.25 -26.02 28.22
C ASP A 702 -13.17 -24.98 28.61
N SER A 703 -12.68 -24.23 27.64
CA SER A 703 -11.45 -23.42 27.77
C SER A 703 -11.52 -22.19 28.70
N PRO A 704 -10.36 -21.65 29.10
CA PRO A 704 -10.35 -20.43 29.90
C PRO A 704 -10.96 -19.27 29.14
N HIS A 705 -11.51 -18.35 29.92
CA HIS A 705 -11.86 -17.05 29.38
C HIS A 705 -10.57 -16.25 29.36
N VAL A 706 -9.95 -16.21 28.17
CA VAL A 706 -8.66 -15.57 27.99
C VAL A 706 -8.84 -14.05 28.01
N PRO A 707 -8.17 -13.33 28.91
CA PRO A 707 -8.27 -11.87 28.92
C PRO A 707 -7.78 -11.25 27.62
N VAL A 708 -8.67 -10.53 26.99
CA VAL A 708 -8.39 -9.79 25.77
C VAL A 708 -9.25 -8.52 25.89
N HIS A 709 -8.63 -7.41 26.20
N HIS A 709 -8.64 -7.41 26.22
CA HIS A 709 -9.36 -6.20 26.58
CA HIS A 709 -9.40 -6.21 26.54
C HIS A 709 -9.10 -5.03 25.63
C HIS A 709 -9.10 -5.14 25.51
N PHE A 710 -10.16 -4.55 24.96
CA PHE A 710 -10.03 -3.36 24.13
C PHE A 710 -10.11 -2.09 24.99
N LYS A 711 -9.27 -1.13 24.66
CA LYS A 711 -9.23 0.15 25.35
C LYS A 711 -8.88 1.24 24.34
N PHE A 712 -9.51 2.41 24.44
CA PHE A 712 -9.18 3.60 23.67
C PHE A 712 -8.42 4.61 24.52
N LEU A 713 -7.33 5.10 23.97
CA LEU A 713 -6.48 6.09 24.65
C LEU A 713 -6.15 7.25 23.71
N LYS A 714 -5.51 8.28 24.25
CA LYS A 714 -5.14 9.46 23.47
C LYS A 714 -3.71 9.87 23.72
N TYR A 715 -3.02 10.16 22.62
CA TYR A 715 -1.74 10.83 22.69
C TYR A 715 -1.94 12.32 22.43
N GLY A 716 -1.08 13.15 23.04
CA GLY A 716 -1.09 14.57 22.82
C GLY A 716 0.18 15.01 22.07
N VAL A 717 0.41 16.31 22.10
CA VAL A 717 1.51 16.95 21.38
C VAL A 717 2.33 17.75 22.41
N ARG A 718 3.62 17.93 22.15
CA ARG A 718 4.52 18.62 23.09
C ARG A 718 4.26 20.11 23.07
N SER A 719 4.40 20.71 24.25
CA SER A 719 4.23 22.15 24.42
C SER A 719 5.58 22.89 24.30
N HIS A 720 6.67 22.13 24.27
CA HIS A 720 8.02 22.65 24.06
C HIS A 720 8.74 21.75 23.06
N GLY A 721 9.60 22.35 22.23
CA GLY A 721 10.35 21.62 21.23
C GLY A 721 9.53 21.27 20.00
N ASP A 722 9.82 20.11 19.41
CA ASP A 722 9.25 19.80 18.10
C ASP A 722 7.82 19.29 18.19
N ARG A 723 6.98 19.75 17.26
CA ARG A 723 5.58 19.39 17.20
CA ARG A 723 5.57 19.36 17.22
C ARG A 723 5.28 18.26 16.21
N SER A 724 4.40 17.35 16.60
CA SER A 724 3.85 16.35 15.67
C SER A 724 3.15 17.07 14.52
N GLY A 725 3.23 16.47 13.32
CA GLY A 725 2.50 16.97 12.17
C GLY A 725 2.17 15.80 11.26
N ALA A 726 1.88 16.07 10.00
CA ALA A 726 1.50 14.98 9.07
C ALA A 726 2.54 13.87 8.95
N TYR A 727 3.83 14.22 9.08
CA TYR A 727 4.91 13.24 8.94
C TYR A 727 5.34 12.65 10.29
N LEU A 728 5.61 13.53 11.26
CA LEU A 728 6.24 13.15 12.51
C LEU A 728 5.26 12.84 13.64
N PHE A 729 5.57 11.79 14.41
CA PHE A 729 4.84 11.47 15.63
C PHE A 729 5.77 11.78 16.80
N LEU A 730 5.42 12.81 17.57
CA LEU A 730 6.26 13.29 18.67
C LEU A 730 5.37 13.43 19.91
N PRO A 731 4.98 12.31 20.49
CA PRO A 731 3.99 12.35 21.58
C PRO A 731 4.58 13.00 22.83
N ASN A 732 3.68 13.54 23.64
CA ASN A 732 4.07 14.11 24.93
C ASN A 732 3.89 13.05 26.02
N GLY A 733 4.52 11.90 25.84
CA GLY A 733 4.47 10.80 26.79
C GLY A 733 3.52 9.68 26.34
N PRO A 734 3.46 8.61 27.11
CA PRO A 734 2.52 7.52 26.85
C PRO A 734 1.07 8.00 26.83
N ALA A 735 0.24 7.27 26.12
CA ALA A 735 -1.16 7.63 25.96
C ALA A 735 -1.96 7.59 27.28
N SER A 736 -2.97 8.45 27.36
N SER A 736 -2.98 8.44 27.38
CA SER A 736 -3.87 8.54 28.52
CA SER A 736 -3.85 8.44 28.56
C SER A 736 -5.25 7.96 28.14
C SER A 736 -5.24 7.96 28.15
N PRO A 737 -5.93 7.24 29.03
CA PRO A 737 -7.24 6.67 28.67
C PRO A 737 -8.26 7.74 28.25
N VAL A 738 -9.04 7.45 27.21
CA VAL A 738 -10.19 8.31 26.87
C VAL A 738 -11.23 8.16 28.01
N GLU A 739 -11.73 9.28 28.52
CA GLU A 739 -12.76 9.22 29.56
C GLU A 739 -14.07 8.84 28.92
N LEU A 740 -14.60 7.69 29.33
CA LEU A 740 -15.75 7.12 28.62
C LEU A 740 -17.13 7.59 29.08
N GLY A 741 -17.23 8.14 30.30
CA GLY A 741 -18.54 8.45 30.86
C GLY A 741 -19.34 7.17 31.06
N GLN A 742 -20.64 7.23 30.77
N GLN A 742 -20.64 7.24 30.79
CA GLN A 742 -21.51 6.05 30.88
CA GLN A 742 -21.50 6.07 30.86
C GLN A 742 -22.14 5.72 29.51
C GLN A 742 -22.06 5.92 29.45
N PRO A 743 -21.35 5.19 28.58
CA PRO A 743 -21.79 5.11 27.18
C PRO A 743 -22.97 4.16 26.98
N VAL A 744 -23.72 4.46 25.93
CA VAL A 744 -24.87 3.65 25.51
C VAL A 744 -24.39 2.44 24.71
N VAL A 745 -24.87 1.25 25.08
CA VAL A 745 -24.45 -0.02 24.46
C VAL A 745 -25.67 -0.69 23.83
N LEU A 746 -25.52 -1.13 22.58
CA LEU A 746 -26.58 -1.83 21.85
C LEU A 746 -26.15 -3.24 21.51
N VAL A 747 -26.95 -4.21 21.93
CA VAL A 747 -26.64 -5.62 21.69
C VAL A 747 -27.68 -6.19 20.75
N THR A 748 -27.24 -6.73 19.62
CA THR A 748 -28.14 -7.38 18.69
C THR A 748 -27.78 -8.84 18.62
N LYS A 749 -28.75 -9.72 18.86
CA LYS A 749 -28.46 -11.15 18.95
C LYS A 749 -29.28 -11.91 17.92
N GLY A 750 -28.58 -12.58 17.01
CA GLY A 750 -29.24 -13.28 15.94
C GLY A 750 -28.64 -14.67 15.77
N LYS A 751 -29.36 -15.52 15.03
CA LYS A 751 -28.85 -16.86 14.76
C LYS A 751 -27.62 -16.84 13.86
N LEU A 752 -27.56 -15.89 12.92
CA LEU A 752 -26.46 -15.83 11.93
C LEU A 752 -25.41 -14.78 12.29
N GLU A 753 -25.83 -13.70 12.96
CA GLU A 753 -24.94 -12.58 13.23
C GLU A 753 -25.41 -11.88 14.51
N SER A 754 -24.48 -11.63 15.41
CA SER A 754 -24.72 -10.85 16.61
C SER A 754 -23.67 -9.73 16.72
N SER A 755 -23.97 -8.69 17.49
CA SER A 755 -23.05 -7.58 17.64
CA SER A 755 -23.02 -7.61 17.66
C SER A 755 -23.24 -6.83 18.94
N VAL A 756 -22.17 -6.16 19.37
CA VAL A 756 -22.20 -5.23 20.47
C VAL A 756 -21.62 -3.93 19.94
N SER A 757 -22.39 -2.85 20.04
CA SER A 757 -21.98 -1.52 19.53
C SER A 757 -22.06 -0.52 20.67
N VAL A 758 -21.09 0.38 20.77
CA VAL A 758 -21.08 1.38 21.83
C VAL A 758 -20.65 2.73 21.29
N GLY A 759 -21.35 3.78 21.72
CA GLY A 759 -21.04 5.15 21.31
C GLY A 759 -20.06 5.79 22.27
N LEU A 760 -18.79 5.72 21.94
CA LEU A 760 -17.74 6.31 22.78
C LEU A 760 -17.41 7.71 22.26
N PRO A 761 -16.73 8.52 23.05
CA PRO A 761 -16.24 9.81 22.54
C PRO A 761 -15.32 9.57 21.34
N SER A 762 -15.72 10.13 20.21
CA SER A 762 -15.02 10.07 18.92
C SER A 762 -15.07 8.74 18.20
N VAL A 763 -15.67 7.71 18.79
CA VAL A 763 -15.68 6.40 18.13
C VAL A 763 -16.97 5.63 18.41
N VAL A 764 -17.67 5.20 17.36
CA VAL A 764 -18.69 4.20 17.52
C VAL A 764 -17.98 2.86 17.26
N HIS A 765 -17.84 2.07 18.30
CA HIS A 765 -17.04 0.83 18.29
C HIS A 765 -17.99 -0.35 18.26
N GLN A 766 -17.76 -1.27 17.31
CA GLN A 766 -18.65 -2.40 17.06
CA GLN A 766 -18.64 -2.40 17.10
C GLN A 766 -17.85 -3.69 17.00
N THR A 767 -18.32 -4.71 17.72
CA THR A 767 -17.80 -6.07 17.64
C THR A 767 -18.88 -6.96 17.06
N ILE A 768 -18.59 -7.59 15.92
CA ILE A 768 -19.55 -8.37 15.18
C ILE A 768 -19.10 -9.83 15.15
N MET A 769 -20.05 -10.72 15.39
CA MET A 769 -19.80 -12.15 15.49
CA MET A 769 -19.79 -12.15 15.51
C MET A 769 -20.63 -12.90 14.50
N ARG A 770 -19.96 -13.70 13.67
N ARG A 770 -19.99 -13.73 13.68
CA ARG A 770 -20.64 -14.48 12.66
CA ARG A 770 -20.70 -14.56 12.71
C ARG A 770 -20.28 -15.97 12.76
C ARG A 770 -20.43 -16.05 12.85
N GLY A 771 -19.71 -16.39 13.90
CA GLY A 771 -19.43 -17.80 14.17
C GLY A 771 -17.97 -18.17 14.17
N GLY A 772 -17.10 -17.24 13.74
CA GLY A 772 -15.65 -17.42 13.78
C GLY A 772 -14.96 -16.21 14.42
N ALA A 773 -13.78 -15.83 13.92
CA ALA A 773 -13.10 -14.65 14.46
C ALA A 773 -13.99 -13.41 14.37
N PRO A 774 -14.09 -12.62 15.44
CA PRO A 774 -14.91 -11.40 15.34
C PRO A 774 -14.36 -10.38 14.35
N GLU A 775 -15.27 -9.54 13.89
CA GLU A 775 -14.96 -8.37 13.10
CA GLU A 775 -14.97 -8.36 13.11
C GLU A 775 -15.16 -7.15 14.00
N ILE A 776 -14.22 -6.21 13.93
CA ILE A 776 -14.33 -4.94 14.65
C ILE A 776 -14.52 -3.85 13.62
N ARG A 777 -15.48 -2.95 13.86
CA ARG A 777 -15.64 -1.74 13.05
C ARG A 777 -15.61 -0.53 13.97
N ASN A 778 -14.81 0.47 13.61
CA ASN A 778 -14.78 1.74 14.33
C ASN A 778 -15.16 2.85 13.40
N LEU A 779 -16.25 3.55 13.74
CA LEU A 779 -16.60 4.79 13.04
C LEU A 779 -15.93 5.92 13.81
N VAL A 780 -14.83 6.42 13.26
CA VAL A 780 -13.94 7.34 13.97
C VAL A 780 -14.19 8.78 13.48
N ASP A 781 -14.65 9.64 14.41
CA ASP A 781 -14.85 11.05 14.11
C ASP A 781 -14.21 11.88 15.20
N ILE A 782 -12.97 12.26 14.97
CA ILE A 782 -12.17 12.97 15.97
C ILE A 782 -12.66 14.40 16.17
N GLY A 783 -13.57 14.85 15.31
CA GLY A 783 -14.29 16.09 15.55
C GLY A 783 -13.34 17.26 15.61
N SER A 784 -13.47 18.07 16.66
CA SER A 784 -12.59 19.24 16.78
C SER A 784 -11.54 19.06 17.87
N LEU A 785 -11.19 17.81 18.21
CA LEU A 785 -10.16 17.58 19.23
C LEU A 785 -8.75 17.89 18.70
N ASP A 786 -8.31 19.14 18.83
CA ASP A 786 -7.00 19.50 18.31
C ASP A 786 -5.88 18.80 19.10
N ASN A 787 -4.78 18.56 18.41
CA ASN A 787 -3.58 18.01 19.02
C ASN A 787 -3.84 16.72 19.77
N THR A 788 -4.57 15.81 19.10
CA THR A 788 -4.94 14.54 19.67
C THR A 788 -4.75 13.41 18.64
N GLU A 789 -4.22 12.29 19.13
CA GLU A 789 -4.15 11.07 18.33
C GLU A 789 -4.90 10.00 19.11
N ILE A 790 -5.91 9.38 18.48
CA ILE A 790 -6.68 8.34 19.15
CA ILE A 790 -6.70 8.34 19.13
C ILE A 790 -6.14 6.96 18.78
N VAL A 791 -5.81 6.18 19.80
CA VAL A 791 -5.28 4.83 19.63
C VAL A 791 -6.24 3.79 20.19
N MET A 792 -6.33 2.66 19.48
CA MET A 792 -7.07 1.51 19.97
C MET A 792 -6.02 0.47 20.45
N ARG A 793 -6.08 0.07 21.72
CA ARG A 793 -5.13 -0.87 22.30
C ARG A 793 -5.86 -2.14 22.70
N LEU A 794 -5.15 -3.26 22.55
CA LEU A 794 -5.54 -4.57 23.07
C LEU A 794 -4.58 -4.96 24.19
N GLU A 795 -5.13 -5.31 25.35
CA GLU A 795 -4.35 -5.75 26.51
C GLU A 795 -4.62 -7.21 26.73
N THR A 796 -3.55 -8.00 26.78
CA THR A 796 -3.67 -9.43 27.03
C THR A 796 -2.60 -9.83 28.05
N HIS A 797 -2.65 -11.13 28.38
N HIS A 797 -2.61 -11.09 28.47
CA HIS A 797 -1.71 -11.80 29.26
CA HIS A 797 -1.53 -11.59 29.33
C HIS A 797 -0.51 -12.36 28.54
C HIS A 797 -0.68 -12.62 28.52
N ILE A 798 -0.61 -12.41 27.20
CA ILE A 798 0.33 -13.17 26.35
C ILE A 798 1.75 -12.72 26.68
N ASP A 799 2.65 -13.68 26.92
CA ASP A 799 4.02 -13.37 27.32
C ASP A 799 4.92 -13.12 26.11
N SER A 800 4.62 -12.03 25.40
CA SER A 800 5.36 -11.68 24.18
C SER A 800 6.68 -10.95 24.45
N GLY A 801 6.84 -10.40 25.66
CA GLY A 801 8.09 -9.74 26.00
C GLY A 801 8.25 -8.48 25.20
N ASP A 802 9.30 -8.42 24.39
CA ASP A 802 9.55 -7.25 23.54
C ASP A 802 9.42 -7.55 22.05
N ILE A 803 8.83 -8.70 21.73
CA ILE A 803 8.67 -9.11 20.32
C ILE A 803 7.24 -8.90 19.82
N PHE A 804 7.12 -8.42 18.58
CA PHE A 804 5.84 -8.39 17.89
C PHE A 804 6.09 -8.50 16.40
N TYR A 805 5.04 -8.70 15.62
CA TYR A 805 5.19 -8.88 14.18
C TYR A 805 4.25 -7.93 13.48
N THR A 806 4.73 -7.32 12.39
CA THR A 806 3.90 -6.45 11.56
C THR A 806 4.15 -6.83 10.12
N ASP A 807 3.21 -6.51 9.24
CA ASP A 807 3.44 -6.83 7.84
C ASP A 807 4.10 -5.71 7.03
N LEU A 808 4.66 -6.10 5.90
CA LEU A 808 5.22 -5.19 4.92
C LEU A 808 4.39 -5.31 3.66
N ASN A 809 3.64 -4.25 3.35
CA ASN A 809 2.90 -4.13 2.08
C ASN A 809 1.90 -5.25 1.86
N GLY A 810 1.39 -5.89 2.93
CA GLY A 810 0.46 -6.99 2.73
C GLY A 810 1.07 -8.25 2.14
N LEU A 811 2.41 -8.30 2.10
CA LEU A 811 3.12 -9.37 1.44
C LEU A 811 3.79 -10.37 2.41
N GLN A 812 4.33 -9.88 3.53
CA GLN A 812 5.15 -10.70 4.41
C GLN A 812 5.05 -10.11 5.79
N PHE A 813 5.30 -10.93 6.81
CA PHE A 813 5.35 -10.49 8.21
C PHE A 813 6.77 -10.50 8.70
N ILE A 814 7.19 -9.39 9.31
CA ILE A 814 8.55 -9.24 9.76
C ILE A 814 8.57 -9.13 11.28
N LYS A 815 9.55 -9.78 11.92
CA LYS A 815 9.73 -9.69 13.36
CA LYS A 815 9.71 -9.67 13.35
C LYS A 815 10.22 -8.29 13.75
N ARG A 816 9.56 -7.72 14.75
CA ARG A 816 9.94 -6.46 15.38
C ARG A 816 10.36 -6.70 16.81
N ARG A 817 11.32 -5.91 17.24
CA ARG A 817 11.70 -5.92 18.66
C ARG A 817 11.55 -4.50 19.18
N ARG A 818 10.71 -4.35 20.22
CA ARG A 818 10.59 -3.06 20.91
C ARG A 818 11.92 -2.72 21.56
N LEU A 819 12.40 -1.49 21.38
CA LEU A 819 13.70 -1.07 21.92
C LEU A 819 13.51 0.11 22.85
N ASP A 820 13.73 -0.14 24.14
CA ASP A 820 13.57 0.92 25.12
C ASP A 820 14.64 1.99 25.02
N LYS A 821 15.74 1.69 24.31
CA LYS A 821 16.78 2.71 24.05
C LYS A 821 16.35 3.74 23.01
N LEU A 822 15.24 3.49 22.31
CA LEU A 822 14.67 4.44 21.33
C LEU A 822 13.38 5.01 21.91
N PRO A 823 13.00 6.23 21.50
CA PRO A 823 11.76 6.82 22.02
C PRO A 823 10.52 6.09 21.49
N LEU A 824 9.39 6.32 22.16
CA LEU A 824 8.13 5.70 21.84
C LEU A 824 7.84 5.66 20.33
N GLN A 825 7.94 6.82 19.68
CA GLN A 825 7.57 6.97 18.27
C GLN A 825 8.46 6.15 17.33
N ALA A 826 9.68 5.78 17.78
CA ALA A 826 10.57 4.91 17.00
C ALA A 826 10.07 3.47 16.99
N ASN A 827 9.27 3.11 17.99
CA ASN A 827 8.74 1.75 18.12
C ASN A 827 7.41 1.53 17.39
N TYR A 828 6.93 2.59 16.74
CA TYR A 828 5.77 2.52 15.85
C TYR A 828 6.24 2.10 14.45
N TYR A 829 5.47 1.21 13.83
CA TYR A 829 5.76 0.66 12.51
C TYR A 829 4.50 0.73 11.66
N PRO A 830 4.64 0.64 10.34
CA PRO A 830 3.44 0.57 9.52
C PRO A 830 2.68 -0.74 9.81
N ILE A 831 1.34 -0.66 9.83
CA ILE A 831 0.48 -1.86 9.89
C ILE A 831 -0.36 -1.87 8.61
N PRO A 832 0.26 -2.23 7.49
CA PRO A 832 -0.48 -2.14 6.23
C PRO A 832 -1.59 -3.17 6.13
N SER A 833 -1.51 -4.32 6.82
CA SER A 833 -2.59 -5.31 6.78
C SER A 833 -2.72 -6.15 8.04
N GLY A 834 -1.72 -6.17 8.91
CA GLY A 834 -1.90 -6.93 10.14
C GLY A 834 -0.70 -6.91 11.05
N MET A 835 -0.94 -7.38 12.26
CA MET A 835 0.10 -7.44 13.27
C MET A 835 -0.27 -8.53 14.27
N PHE A 836 0.72 -9.11 14.94
CA PHE A 836 0.45 -10.14 15.96
C PHE A 836 1.49 -10.18 17.05
N ILE A 837 1.07 -10.70 18.20
CA ILE A 837 1.98 -11.05 19.32
C ILE A 837 1.72 -12.51 19.67
N GLU A 838 2.76 -13.17 20.21
CA GLU A 838 2.59 -14.55 20.61
C GLU A 838 3.58 -14.94 21.71
N ASP A 839 3.21 -16.00 22.42
CA ASP A 839 4.19 -16.70 23.28
C ASP A 839 4.25 -18.16 22.87
N ALA A 840 4.76 -19.05 23.74
CA ALA A 840 4.82 -20.45 23.36
C ALA A 840 3.46 -21.06 23.02
N ASN A 841 2.38 -20.57 23.65
CA ASN A 841 1.07 -21.23 23.55
C ASN A 841 -0.03 -20.49 22.78
N THR A 842 0.02 -19.15 22.78
CA THR A 842 -1.11 -18.33 22.38
C THR A 842 -0.62 -17.22 21.46
N ARG A 843 -1.44 -16.92 20.45
CA ARG A 843 -1.17 -15.78 19.57
C ARG A 843 -2.46 -14.96 19.44
N LEU A 844 -2.28 -13.64 19.37
CA LEU A 844 -3.38 -12.73 19.04
C LEU A 844 -2.96 -11.97 17.78
N THR A 845 -3.78 -12.09 16.72
CA THR A 845 -3.54 -11.40 15.46
C THR A 845 -4.68 -10.42 15.20
N LEU A 846 -4.31 -9.19 14.83
CA LEU A 846 -5.27 -8.15 14.41
C LEU A 846 -5.02 -7.88 12.93
N LEU A 847 -6.01 -8.17 12.08
CA LEU A 847 -5.96 -7.89 10.64
C LEU A 847 -6.68 -6.58 10.38
N THR A 848 -6.17 -5.81 9.41
CA THR A 848 -6.77 -4.50 9.10
CA THR A 848 -6.72 -4.50 9.11
C THR A 848 -7.24 -4.36 7.66
N GLY A 849 -8.28 -3.54 7.49
CA GLY A 849 -8.76 -3.21 6.16
C GLY A 849 -8.22 -1.89 5.64
N GLN A 850 -7.19 -1.37 6.30
CA GLN A 850 -6.60 -0.07 5.96
C GLN A 850 -5.24 0.02 6.63
N PRO A 851 -4.27 0.68 6.01
CA PRO A 851 -2.96 0.85 6.66
C PRO A 851 -3.04 1.92 7.74
N LEU A 852 -2.49 1.60 8.91
CA LEU A 852 -2.43 2.52 10.05
C LEU A 852 -1.13 2.28 10.79
N GLY A 853 -0.74 3.17 11.71
CA GLY A 853 0.48 2.95 12.50
C GLY A 853 0.19 2.16 13.74
N GLY A 854 1.17 1.40 14.22
CA GLY A 854 0.94 0.67 15.45
C GLY A 854 2.18 0.11 16.07
N SER A 855 2.00 -0.53 17.22
CA SER A 855 3.14 -1.02 17.98
C SER A 855 2.67 -2.06 18.99
N SER A 856 3.65 -2.58 19.73
CA SER A 856 3.41 -3.29 21.00
C SER A 856 4.33 -2.66 22.02
N LEU A 857 3.81 -1.75 22.87
CA LEU A 857 4.66 -0.95 23.77
C LEU A 857 4.94 -1.63 25.11
N ALA A 858 4.33 -2.79 25.32
CA ALA A 858 4.54 -3.60 26.52
C ALA A 858 4.13 -5.02 26.19
N SER A 859 4.73 -5.96 26.92
CA SER A 859 4.42 -7.35 26.74
C SER A 859 2.90 -7.56 26.82
N GLY A 860 2.36 -8.38 25.92
CA GLY A 860 0.94 -8.67 25.89
C GLY A 860 0.05 -7.64 25.22
N GLU A 861 0.62 -6.52 24.75
CA GLU A 861 -0.18 -5.46 24.12
C GLU A 861 -0.04 -5.39 22.59
N LEU A 862 -1.11 -4.96 21.94
CA LEU A 862 -1.09 -4.50 20.55
C LEU A 862 -1.77 -3.14 20.55
N GLU A 863 -1.32 -2.19 19.72
CA GLU A 863 -2.09 -0.96 19.56
C GLU A 863 -1.97 -0.45 18.15
N ILE A 864 -3.02 0.24 17.71
CA ILE A 864 -3.06 0.75 16.36
CA ILE A 864 -3.13 0.74 16.32
C ILE A 864 -3.79 2.12 16.36
N MET A 865 -3.16 3.10 15.74
CA MET A 865 -3.69 4.45 15.73
C MET A 865 -4.90 4.55 14.79
N GLN A 866 -5.94 5.28 15.22
CA GLN A 866 -7.18 5.42 14.46
C GLN A 866 -7.25 6.71 13.63
N ASP A 867 -6.88 7.83 14.25
CA ASP A 867 -6.80 9.13 13.54
C ASP A 867 -5.96 10.08 14.38
N ARG A 868 -5.59 11.19 13.76
CA ARG A 868 -4.76 12.17 14.41
C ARG A 868 -5.13 13.54 13.85
N ARG A 869 -5.26 14.52 14.75
CA ARG A 869 -5.62 15.89 14.36
C ARG A 869 -4.59 16.79 15.02
N LEU A 870 -3.85 17.51 14.18
CA LEU A 870 -2.63 18.22 14.60
C LEU A 870 -2.65 19.66 14.13
N ALA A 871 -2.50 20.56 15.08
CA ALA A 871 -2.62 21.97 14.76
C ALA A 871 -1.38 22.55 14.07
N SER A 872 -0.23 21.91 14.25
CA SER A 872 1.02 22.50 13.81
C SER A 872 1.61 21.82 12.59
N ASP A 873 2.36 22.60 11.82
CA ASP A 873 3.26 22.08 10.79
C ASP A 873 4.52 21.47 11.45
N ASP A 874 5.04 20.39 10.85
CA ASP A 874 6.22 19.70 11.39
C ASP A 874 7.50 19.89 10.56
N GLU A 875 7.59 21.01 9.85
CA GLU A 875 8.89 21.47 9.31
C GLU A 875 9.47 20.59 8.22
N ARG A 876 8.62 19.87 7.50
CA ARG A 876 9.07 19.00 6.42
C ARG A 876 8.58 19.48 5.04
N GLY A 877 7.97 20.66 4.99
CA GLY A 877 7.63 21.27 3.72
C GLY A 877 6.17 21.39 3.41
N LEU A 878 5.32 20.73 4.19
CA LEU A 878 3.88 20.74 3.92
C LEU A 878 3.24 22.10 4.20
N GLY A 879 3.67 22.79 5.27
CA GLY A 879 3.19 24.13 5.58
C GLY A 879 1.74 24.18 6.05
N GLN A 880 1.29 23.10 6.67
CA GLN A 880 0.01 23.10 7.38
C GLN A 880 0.01 21.96 8.38
N GLY A 881 -0.90 22.04 9.35
CA GLY A 881 -1.24 20.90 10.20
C GLY A 881 -2.16 19.93 9.50
N VAL A 882 -2.76 19.06 10.31
CA VAL A 882 -3.74 18.12 9.82
C VAL A 882 -5.04 18.44 10.57
N LEU A 883 -5.88 19.23 9.91
CA LEU A 883 -7.12 19.74 10.51
C LEU A 883 -8.34 19.49 9.63
N ASP A 884 -8.19 18.56 8.69
CA ASP A 884 -9.21 18.25 7.69
C ASP A 884 -9.78 16.85 7.88
N ASN A 885 -9.75 16.35 9.11
CA ASN A 885 -10.28 15.03 9.41
C ASN A 885 -11.73 14.90 9.01
N LYS A 886 -12.12 13.68 8.66
CA LYS A 886 -13.52 13.39 8.37
C LYS A 886 -13.83 11.99 8.87
N PRO A 887 -15.10 11.70 9.16
CA PRO A 887 -15.45 10.37 9.66
C PRO A 887 -15.00 9.26 8.73
N VAL A 888 -14.43 8.21 9.32
CA VAL A 888 -13.94 7.07 8.58
C VAL A 888 -14.37 5.80 9.30
N LEU A 889 -14.77 4.79 8.54
CA LEU A 889 -15.07 3.48 9.09
C LEU A 889 -13.90 2.51 8.91
N HIS A 890 -13.16 2.30 9.99
CA HIS A 890 -12.06 1.33 10.02
C HIS A 890 -12.58 -0.07 10.30
N ILE A 891 -12.02 -1.07 9.62
CA ILE A 891 -12.46 -2.45 9.78
C ILE A 891 -11.29 -3.36 10.16
N TYR A 892 -11.58 -4.41 10.92
CA TYR A 892 -10.57 -5.32 11.45
C TYR A 892 -11.15 -6.70 11.63
N ARG A 893 -10.25 -7.68 11.76
CA ARG A 893 -10.62 -9.00 12.30
C ARG A 893 -9.67 -9.32 13.44
N LEU A 894 -10.18 -10.01 14.47
CA LEU A 894 -9.40 -10.30 15.68
C LEU A 894 -9.36 -11.80 15.86
N VAL A 895 -8.16 -12.39 15.75
CA VAL A 895 -8.01 -13.83 15.79
C VAL A 895 -7.16 -14.26 16.98
N LEU A 896 -7.77 -14.88 17.98
CA LEU A 896 -7.06 -15.47 19.12
C LEU A 896 -6.91 -16.95 18.80
N GLU A 897 -5.70 -17.51 18.93
CA GLU A 897 -5.49 -18.90 18.56
C GLU A 897 -4.45 -19.55 19.46
N LYS A 898 -4.60 -20.85 19.64
CA LYS A 898 -3.54 -21.67 20.20
C LYS A 898 -2.47 -22.00 19.15
N VAL A 899 -1.21 -21.79 19.50
CA VAL A 899 -0.12 -22.02 18.54
C VAL A 899 0.95 -22.99 19.04
N ASN A 900 0.72 -23.61 20.21
CA ASN A 900 1.72 -24.56 20.72
C ASN A 900 2.01 -25.74 19.77
N ASN A 901 1.05 -26.11 18.93
CA ASN A 901 1.24 -27.22 17.97
C ASN A 901 1.75 -26.79 16.59
N CYS A 902 1.91 -25.49 16.40
CA CYS A 902 2.33 -24.98 15.09
C CYS A 902 3.83 -25.12 14.87
N VAL A 903 4.23 -25.48 13.67
CA VAL A 903 5.64 -25.50 13.31
C VAL A 903 6.08 -24.05 12.97
N ARG A 904 6.80 -23.42 13.88
CA ARG A 904 7.19 -22.03 13.72
C ARG A 904 8.66 -21.91 13.39
N PRO A 905 9.07 -20.76 12.85
CA PRO A 905 10.50 -20.53 12.65
C PRO A 905 11.23 -20.58 13.98
N SER A 906 12.53 -20.82 13.92
CA SER A 906 13.38 -20.73 15.09
C SER A 906 13.41 -19.32 15.66
N LYS A 907 13.86 -19.22 16.90
CA LYS A 907 14.00 -17.92 17.56
C LYS A 907 14.90 -16.91 16.81
N LEU A 908 15.80 -17.38 15.95
CA LEU A 908 16.70 -16.48 15.23
C LEU A 908 16.19 -16.06 13.85
N HIS A 909 15.08 -16.66 13.40
CA HIS A 909 14.56 -16.32 12.09
C HIS A 909 13.89 -14.93 12.11
N PRO A 910 14.16 -14.07 11.13
CA PRO A 910 13.57 -12.73 11.15
C PRO A 910 12.11 -12.62 10.66
N ALA A 911 11.48 -13.70 10.20
CA ALA A 911 10.11 -13.65 9.69
C ALA A 911 9.12 -14.30 10.64
N GLY A 912 7.84 -13.98 10.46
CA GLY A 912 6.76 -14.78 11.01
C GLY A 912 5.73 -15.06 9.92
N TYR A 913 4.78 -15.96 10.19
CA TYR A 913 3.79 -16.41 9.21
C TYR A 913 2.43 -16.53 9.87
N LEU A 914 1.39 -16.22 9.10
CA LEU A 914 0.02 -16.36 9.58
C LEU A 914 -0.42 -17.80 9.62
N THR A 915 -1.44 -18.08 10.43
CA THR A 915 -2.20 -19.31 10.31
C THR A 915 -3.24 -19.20 9.18
N SER A 916 -3.81 -20.33 8.80
CA SER A 916 -4.92 -20.35 7.86
C SER A 916 -6.05 -19.41 8.26
N ALA A 917 -6.48 -19.44 9.52
CA ALA A 917 -7.61 -18.62 9.93
C ALA A 917 -7.31 -17.14 9.82
N ALA A 918 -6.08 -16.74 10.20
CA ALA A 918 -5.74 -15.32 10.11
C ALA A 918 -5.63 -14.85 8.66
N HIS A 919 -5.06 -15.69 7.79
CA HIS A 919 -4.94 -15.32 6.40
C HIS A 919 -6.34 -15.19 5.76
N LYS A 920 -7.24 -16.15 6.04
CA LYS A 920 -8.62 -16.03 5.54
C LYS A 920 -9.32 -14.78 6.06
N ALA A 921 -9.09 -14.45 7.33
CA ALA A 921 -9.66 -13.24 7.89
C ALA A 921 -9.15 -11.99 7.17
N SER A 922 -7.86 -11.98 6.82
CA SER A 922 -7.32 -10.84 6.05
C SER A 922 -7.99 -10.76 4.68
N GLN A 923 -8.15 -11.90 4.00
CA GLN A 923 -8.83 -11.92 2.69
C GLN A 923 -10.28 -11.43 2.81
N SER A 924 -10.93 -11.73 3.93
N SER A 924 -10.96 -11.75 3.91
CA SER A 924 -12.30 -11.28 4.20
CA SER A 924 -12.32 -11.28 4.07
C SER A 924 -12.42 -9.76 4.27
C SER A 924 -12.38 -9.75 4.15
N LEU A 925 -11.34 -9.12 4.70
CA LEU A 925 -11.31 -7.66 4.79
C LEU A 925 -10.93 -7.07 3.45
N LEU A 926 -9.90 -7.60 2.78
CA LEU A 926 -9.36 -6.94 1.59
C LEU A 926 -10.08 -7.30 0.31
N ASP A 927 -10.59 -8.53 0.21
CA ASP A 927 -11.27 -8.96 -1.01
C ASP A 927 -12.57 -9.68 -0.67
N PRO A 928 -13.54 -8.93 -0.12
CA PRO A 928 -14.86 -9.51 0.20
C PRO A 928 -15.59 -9.90 -1.08
N LEU A 929 -16.69 -10.64 -0.92
CA LEU A 929 -17.64 -10.78 -2.00
C LEU A 929 -18.15 -9.42 -2.45
N ASP A 930 -18.31 -9.25 -3.76
CA ASP A 930 -18.98 -8.07 -4.31
C ASP A 930 -20.47 -8.38 -4.45
N LYS A 931 -21.30 -7.36 -4.22
CA LYS A 931 -22.75 -7.52 -4.24
C LYS A 931 -23.38 -6.60 -5.27
N PHE A 932 -24.24 -7.15 -6.11
CA PHE A 932 -24.90 -6.42 -7.20
C PHE A 932 -26.40 -6.56 -7.05
N ILE A 933 -27.13 -5.46 -7.20
CA ILE A 933 -28.59 -5.46 -7.13
C ILE A 933 -29.14 -5.16 -8.53
N PHE A 934 -29.95 -6.05 -9.10
CA PHE A 934 -30.47 -5.80 -10.44
C PHE A 934 -31.35 -4.53 -10.42
N ALA A 935 -31.11 -3.60 -11.36
CA ALA A 935 -31.77 -2.31 -11.30
C ALA A 935 -33.24 -2.32 -11.76
N GLU A 936 -33.52 -3.06 -12.82
CA GLU A 936 -34.84 -3.01 -13.49
CA GLU A 936 -34.85 -2.97 -13.40
C GLU A 936 -35.78 -4.01 -12.78
N ASN A 937 -37.04 -4.02 -13.18
CA ASN A 937 -37.99 -4.89 -12.52
C ASN A 937 -37.82 -6.37 -12.83
N GLU A 938 -37.47 -6.68 -14.08
CA GLU A 938 -37.36 -8.08 -14.50
C GLU A 938 -36.09 -8.28 -15.31
N TRP A 939 -35.34 -9.32 -14.96
CA TRP A 939 -34.12 -9.69 -15.67
C TRP A 939 -34.42 -10.88 -16.60
N ILE A 940 -34.66 -10.60 -17.89
CA ILE A 940 -34.99 -11.67 -18.84
C ILE A 940 -33.72 -12.44 -19.22
N GLY A 941 -33.78 -13.77 -19.16
CA GLY A 941 -32.63 -14.59 -19.53
C GLY A 941 -31.60 -14.78 -18.41
N ALA A 942 -31.96 -14.44 -17.16
CA ALA A 942 -31.05 -14.59 -16.02
C ALA A 942 -30.60 -16.02 -15.80
N GLN A 943 -29.32 -16.17 -15.45
CA GLN A 943 -28.73 -17.44 -15.09
C GLN A 943 -28.28 -17.46 -13.64
N GLY A 944 -28.14 -18.65 -13.06
CA GLY A 944 -27.96 -18.78 -11.64
C GLY A 944 -26.53 -18.77 -11.16
N GLN A 945 -25.59 -19.04 -12.05
CA GLN A 945 -24.20 -19.22 -11.64
C GLN A 945 -23.24 -19.02 -12.80
N PHE A 946 -22.04 -18.56 -12.49
CA PHE A 946 -20.92 -18.56 -13.45
C PHE A 946 -19.69 -19.04 -12.71
N GLY A 947 -18.91 -19.89 -13.37
CA GLY A 947 -17.66 -20.34 -12.81
C GLY A 947 -17.71 -21.60 -11.97
N GLY A 948 -18.83 -22.34 -12.01
CA GLY A 948 -18.94 -23.55 -11.23
C GLY A 948 -17.92 -24.60 -11.61
N ASP A 949 -17.36 -24.49 -12.82
CA ASP A 949 -16.30 -25.40 -13.28
C ASP A 949 -14.87 -24.88 -13.08
N HIS A 950 -14.71 -23.69 -12.49
CA HIS A 950 -13.38 -23.16 -12.20
C HIS A 950 -12.70 -23.97 -11.07
N PRO A 951 -11.42 -24.31 -11.21
CA PRO A 951 -10.71 -25.03 -10.14
C PRO A 951 -10.72 -24.26 -8.80
N SER A 952 -10.93 -24.98 -7.72
CA SER A 952 -10.88 -24.41 -6.38
C SER A 952 -9.51 -24.70 -5.78
N ALA A 953 -8.64 -23.69 -5.83
CA ALA A 953 -7.21 -23.85 -5.58
C ALA A 953 -6.91 -23.88 -4.09
N ARG A 954 -5.75 -24.43 -3.75
N ARG A 954 -5.74 -24.43 -3.74
CA ARG A 954 -5.25 -24.46 -2.38
CA ARG A 954 -5.34 -24.48 -2.34
C ARG A 954 -5.35 -23.09 -1.71
C ARG A 954 -5.39 -23.09 -1.71
N GLU A 955 -5.69 -23.08 -0.42
CA GLU A 955 -6.01 -21.84 0.29
C GLU A 955 -4.89 -20.80 0.31
N ASP A 956 -3.65 -21.24 0.17
CA ASP A 956 -2.52 -20.30 0.20
C ASP A 956 -2.22 -19.65 -1.14
N LEU A 957 -2.93 -20.06 -2.19
CA LEU A 957 -2.69 -19.51 -3.53
C LEU A 957 -3.77 -18.47 -3.90
N ASP A 958 -3.34 -17.36 -4.52
CA ASP A 958 -4.26 -16.35 -5.01
C ASP A 958 -3.94 -16.00 -6.46
N VAL A 959 -4.97 -15.67 -7.22
CA VAL A 959 -4.85 -15.02 -8.52
C VAL A 959 -4.95 -13.54 -8.23
N SER A 960 -3.82 -12.91 -7.94
CA SER A 960 -3.76 -11.51 -7.52
C SER A 960 -4.25 -10.58 -8.63
N VAL A 961 -3.90 -10.93 -9.88
CA VAL A 961 -4.30 -10.15 -11.06
C VAL A 961 -4.78 -11.10 -12.15
N MET A 962 -5.93 -10.79 -12.77
CA MET A 962 -6.30 -11.36 -14.06
C MET A 962 -6.63 -10.15 -14.94
N ARG A 963 -5.93 -10.05 -16.07
CA ARG A 963 -6.06 -8.87 -16.92
C ARG A 963 -5.97 -9.29 -18.39
N ARG A 964 -7.00 -9.00 -19.18
CA ARG A 964 -6.87 -9.21 -20.63
C ARG A 964 -5.94 -8.12 -21.19
N LEU A 965 -4.95 -8.53 -21.97
CA LEU A 965 -3.87 -7.63 -22.43
C LEU A 965 -4.07 -7.11 -23.85
N THR A 966 -5.04 -7.67 -24.56
CA THR A 966 -5.32 -7.33 -25.96
C THR A 966 -6.71 -6.75 -26.14
N LYS A 967 -6.83 -5.82 -27.09
CA LYS A 967 -8.14 -5.29 -27.50
C LYS A 967 -8.76 -6.26 -28.50
N SER A 968 -10.03 -6.02 -28.85
CA SER A 968 -10.82 -7.00 -29.61
C SER A 968 -10.30 -7.25 -31.03
N SER A 969 -9.54 -6.30 -31.56
CA SER A 969 -9.04 -6.39 -32.93
C SER A 969 -7.87 -7.36 -33.09
N ALA A 970 -7.23 -7.78 -31.99
CA ALA A 970 -6.12 -8.74 -32.07
C ALA A 970 -6.59 -10.15 -32.40
N LYS A 971 -6.00 -10.71 -33.47
N LYS A 971 -5.99 -10.74 -33.45
CA LYS A 971 -6.24 -12.09 -33.88
CA LYS A 971 -6.32 -12.11 -33.85
C LYS A 971 -5.99 -13.04 -32.71
C LYS A 971 -5.93 -13.14 -32.79
N THR A 972 -4.83 -12.88 -32.08
CA THR A 972 -4.44 -13.69 -30.93
C THR A 972 -4.70 -12.92 -29.63
N GLN A 973 -5.69 -13.36 -28.87
CA GLN A 973 -6.00 -12.72 -27.59
C GLN A 973 -4.99 -13.18 -26.54
N ARG A 974 -4.66 -12.28 -25.61
CA ARG A 974 -3.72 -12.60 -24.54
CA ARG A 974 -3.69 -12.57 -24.55
C ARG A 974 -4.28 -12.18 -23.21
N VAL A 975 -4.16 -13.06 -22.21
CA VAL A 975 -4.66 -12.79 -20.87
C VAL A 975 -3.51 -13.02 -19.90
N GLY A 976 -3.27 -12.03 -19.04
CA GLY A 976 -2.19 -12.11 -18.05
C GLY A 976 -2.73 -12.41 -16.66
N TYR A 977 -1.96 -13.22 -15.93
CA TYR A 977 -2.28 -13.62 -14.56
C TYR A 977 -1.06 -13.39 -13.68
N VAL A 978 -1.28 -12.81 -12.49
CA VAL A 978 -0.24 -12.81 -11.45
C VAL A 978 -0.72 -13.78 -10.36
N LEU A 979 0.08 -14.79 -10.08
N LEU A 979 0.11 -14.75 -10.03
CA LEU A 979 -0.19 -15.72 -8.99
CA LEU A 979 -0.19 -15.81 -9.08
C LEU A 979 0.74 -15.42 -7.85
C LEU A 979 0.74 -15.67 -7.87
N HIS A 980 0.15 -15.45 -6.68
CA HIS A 980 0.93 -15.32 -5.45
C HIS A 980 0.60 -16.44 -4.48
N ARG A 981 1.63 -17.09 -3.95
N ARG A 981 1.60 -17.17 -4.01
CA ARG A 981 1.46 -18.12 -2.94
CA ARG A 981 1.38 -18.12 -2.91
C ARG A 981 2.06 -17.63 -1.63
C ARG A 981 2.03 -17.55 -1.66
N THR A 982 1.23 -17.47 -0.61
CA THR A 982 1.74 -17.07 0.71
C THR A 982 2.29 -18.33 1.40
N ASN A 983 2.68 -18.20 2.67
CA ASN A 983 3.11 -19.37 3.44
C ASN A 983 2.35 -19.32 4.75
N LEU A 984 1.58 -20.40 4.99
CA LEU A 984 0.77 -20.55 6.21
C LEU A 984 1.41 -21.58 7.12
N MET A 985 1.28 -21.36 8.42
CA MET A 985 1.83 -22.30 9.40
C MET A 985 1.16 -23.66 9.38
N GLN A 986 1.97 -24.70 9.55
CA GLN A 986 1.47 -26.06 9.71
C GLN A 986 1.12 -26.21 11.17
N CYS A 987 -0.17 -26.44 11.46
CA CYS A 987 -0.60 -26.58 12.85
C CYS A 987 -1.40 -27.86 13.10
N GLY A 988 -1.30 -28.82 12.18
CA GLY A 988 -1.95 -30.11 12.35
C GLY A 988 -3.36 -30.22 11.83
N THR A 989 -3.77 -29.27 10.99
CA THR A 989 -5.06 -29.38 10.33
C THR A 989 -4.83 -29.98 8.93
N PRO A 990 -5.34 -31.19 8.70
CA PRO A 990 -5.06 -31.90 7.44
C PRO A 990 -5.50 -31.13 6.20
N GLU A 991 -6.47 -30.21 6.33
CA GLU A 991 -7.10 -29.50 5.20
C GLU A 991 -6.77 -30.17 3.85
N GLU A 992 -7.76 -30.85 3.28
CA GLU A 992 -7.49 -31.87 2.28
CA GLU A 992 -7.48 -31.88 2.28
C GLU A 992 -7.70 -31.42 0.84
N HIS A 993 -7.76 -32.41 -0.05
CA HIS A 993 -8.12 -32.32 -1.46
C HIS A 993 -8.47 -30.94 -2.00
N THR A 994 -7.52 -30.35 -2.72
CA THR A 994 -7.88 -29.23 -3.59
C THR A 994 -7.45 -29.51 -5.01
N GLN A 995 -7.97 -28.72 -5.93
CA GLN A 995 -7.68 -28.92 -7.35
CA GLN A 995 -7.68 -28.92 -7.35
C GLN A 995 -6.52 -28.04 -7.79
N LYS A 996 -5.69 -28.56 -8.67
CA LYS A 996 -4.62 -27.78 -9.26
C LYS A 996 -5.23 -26.66 -10.09
N LEU A 997 -4.68 -25.46 -9.94
CA LEU A 997 -5.09 -24.35 -10.77
C LEU A 997 -4.06 -24.13 -11.86
N ASP A 998 -4.48 -24.29 -13.11
CA ASP A 998 -3.67 -23.95 -14.28
C ASP A 998 -4.34 -22.74 -14.94
N VAL A 999 -3.80 -21.55 -14.70
CA VAL A 999 -4.46 -20.35 -15.24
C VAL A 999 -4.47 -20.34 -16.78
N CYS A 1000 -3.53 -21.03 -17.42
CA CYS A 1000 -3.52 -21.00 -18.88
C CYS A 1000 -4.67 -21.69 -19.57
N HIS A 1001 -5.39 -22.53 -18.83
CA HIS A 1001 -6.57 -23.20 -19.36
C HIS A 1001 -7.90 -22.61 -18.85
N LEU A 1002 -7.87 -21.47 -18.14
CA LEU A 1002 -9.11 -20.84 -17.70
C LEU A 1002 -9.97 -20.33 -18.85
N LEU A 1003 -9.34 -19.89 -19.93
CA LEU A 1003 -10.06 -19.48 -21.12
C LEU A 1003 -9.82 -20.56 -22.19
N PRO A 1004 -10.81 -20.79 -23.06
CA PRO A 1004 -10.70 -21.88 -24.04
C PRO A 1004 -9.77 -21.51 -25.20
N ASN A 1005 -9.45 -22.55 -25.97
CA ASN A 1005 -8.65 -22.40 -27.20
C ASN A 1005 -7.26 -21.83 -26.95
N VAL A 1006 -6.63 -22.28 -25.87
CA VAL A 1006 -5.28 -21.84 -25.59
C VAL A 1006 -4.33 -22.38 -26.67
N ALA A 1007 -3.46 -21.50 -27.14
CA ALA A 1007 -2.48 -21.79 -28.17
C ALA A 1007 -1.04 -21.68 -27.65
N ARG A 1008 -0.82 -20.95 -26.55
CA ARG A 1008 0.49 -20.77 -25.99
C ARG A 1008 0.34 -20.33 -24.55
N CYS A 1009 1.28 -20.73 -23.71
CA CYS A 1009 1.34 -20.25 -22.32
C CYS A 1009 2.79 -19.90 -22.02
N GLU A 1010 3.02 -18.69 -21.52
N GLU A 1010 3.01 -18.67 -21.57
CA GLU A 1010 4.36 -18.21 -21.26
CA GLU A 1010 4.34 -18.14 -21.27
C GLU A 1010 4.48 -17.64 -19.85
C GLU A 1010 4.41 -17.74 -19.80
N ARG A 1011 5.56 -17.96 -19.17
CA ARG A 1011 5.89 -17.26 -17.92
C ARG A 1011 6.51 -15.91 -18.30
N THR A 1012 6.10 -14.84 -17.63
CA THR A 1012 6.58 -13.50 -17.95
C THR A 1012 7.11 -12.82 -16.67
N THR A 1013 7.80 -11.70 -16.84
CA THR A 1013 7.99 -10.77 -15.73
C THR A 1013 6.62 -10.32 -15.18
N LEU A 1014 6.62 -9.77 -13.96
CA LEU A 1014 5.34 -9.46 -13.31
C LEU A 1014 4.54 -8.35 -13.96
N THR A 1015 5.22 -7.55 -14.79
CA THR A 1015 4.61 -6.45 -15.54
C THR A 1015 4.06 -6.95 -16.89
N PHE A 1016 4.25 -8.24 -17.19
CA PHE A 1016 3.86 -8.90 -18.44
C PHE A 1016 4.71 -8.48 -19.66
N LEU A 1017 5.78 -7.72 -19.45
CA LEU A 1017 6.49 -7.08 -20.57
C LEU A 1017 7.59 -7.90 -21.20
N GLN A 1018 8.01 -8.99 -20.56
CA GLN A 1018 9.04 -9.86 -21.15
C GLN A 1018 8.69 -11.32 -20.95
N ASN A 1019 8.79 -12.11 -22.01
CA ASN A 1019 8.59 -13.55 -21.93
C ASN A 1019 9.85 -14.20 -21.39
N LEU A 1020 9.71 -15.04 -20.36
CA LEU A 1020 10.82 -15.72 -19.71
C LEU A 1020 10.91 -17.20 -20.03
N GLU A 1021 9.78 -17.84 -20.31
CA GLU A 1021 9.71 -19.30 -20.49
C GLU A 1021 8.48 -19.67 -21.32
N HIS A 1022 8.69 -20.49 -22.36
CA HIS A 1022 7.60 -21.06 -23.13
C HIS A 1022 7.22 -22.37 -22.47
N LEU A 1023 5.97 -22.47 -22.05
CA LEU A 1023 5.59 -23.56 -21.16
C LEU A 1023 5.07 -24.80 -21.89
N ASP A 1024 5.66 -25.94 -21.53
CA ASP A 1024 5.28 -27.24 -22.07
C ASP A 1024 3.85 -27.59 -21.74
N GLY A 1025 3.14 -28.06 -22.75
CA GLY A 1025 1.76 -28.48 -22.63
C GLY A 1025 0.80 -27.33 -22.43
N MET A 1026 1.30 -26.09 -22.54
CA MET A 1026 0.49 -24.88 -22.26
C MET A 1026 -0.07 -24.88 -20.83
N VAL A 1027 0.71 -25.44 -19.90
CA VAL A 1027 0.30 -25.56 -18.51
C VAL A 1027 1.15 -24.64 -17.65
N ALA A 1028 0.48 -23.77 -16.91
CA ALA A 1028 1.15 -22.83 -16.00
C ALA A 1028 1.28 -23.51 -14.65
N PRO A 1029 2.51 -23.79 -14.21
CA PRO A 1029 2.69 -24.45 -12.91
C PRO A 1029 2.39 -23.51 -11.74
N GLU A 1030 1.86 -24.07 -10.67
CA GLU A 1030 1.69 -23.31 -9.44
C GLU A 1030 3.05 -22.94 -8.84
N VAL A 1031 3.05 -21.88 -8.04
CA VAL A 1031 4.26 -21.30 -7.49
C VAL A 1031 4.59 -21.84 -6.10
N CYS A 1032 5.83 -21.64 -5.66
CA CYS A 1032 6.30 -22.03 -4.32
C CYS A 1032 5.83 -21.06 -3.24
N PRO A 1033 5.81 -21.49 -1.96
CA PRO A 1033 5.48 -20.54 -0.89
C PRO A 1033 6.35 -19.29 -0.91
N MET A 1034 5.68 -18.15 -0.73
CA MET A 1034 6.28 -16.80 -0.76
C MET A 1034 6.73 -16.34 -2.14
N GLU A 1035 6.38 -17.08 -3.19
CA GLU A 1035 6.77 -16.70 -4.54
C GLU A 1035 5.56 -16.10 -5.26
N THR A 1036 5.86 -15.27 -6.26
CA THR A 1036 4.88 -14.63 -7.12
C THR A 1036 5.37 -14.83 -8.53
N ALA A 1037 4.50 -15.29 -9.43
CA ALA A 1037 4.86 -15.50 -10.83
C ALA A 1037 3.76 -14.92 -11.70
N ALA A 1038 4.12 -14.61 -12.95
CA ALA A 1038 3.16 -14.13 -13.93
C ALA A 1038 3.16 -15.04 -15.13
N TYR A 1039 1.97 -15.22 -15.68
CA TYR A 1039 1.78 -16.03 -16.88
C TYR A 1039 0.89 -15.32 -17.87
N VAL A 1040 1.16 -15.52 -19.16
CA VAL A 1040 0.26 -15.00 -20.19
C VAL A 1040 -0.18 -16.17 -21.05
N SER A 1041 -1.50 -16.33 -21.19
CA SER A 1041 -2.06 -17.32 -22.09
C SER A 1041 -2.50 -16.64 -23.39
N SER A 1042 -2.24 -17.30 -24.52
CA SER A 1042 -2.60 -16.79 -25.84
C SER A 1042 -3.70 -17.70 -26.40
N HIS A 1043 -4.70 -17.10 -27.06
CA HIS A 1043 -5.90 -17.82 -27.47
C HIS A 1043 -6.22 -17.51 -28.92
N SER A 1044 -6.50 -18.59 -29.65
CA SER A 1044 -6.65 -18.50 -31.10
C SER A 1044 -8.08 -18.24 -31.51
N SER A 1045 -9.01 -18.39 -30.58
CA SER A 1045 -10.43 -18.14 -30.77
C SER A 1045 -11.06 -17.88 -29.41
#